data_1Q8H
# 
_entry.id   1Q8H 
# 
_audit_conform.dict_name       mmcif_pdbx.dic 
_audit_conform.dict_version    5.403 
_audit_conform.dict_location   http://mmcif.pdb.org/dictionaries/ascii/mmcif_pdbx.dic 
# 
loop_
_database_2.database_id 
_database_2.database_code 
_database_2.pdbx_database_accession 
_database_2.pdbx_DOI 
PDB   1Q8H         pdb_00001q8h 10.2210/pdb1q8h/pdb 
RCSB  RCSB020048   ?            ?                   
WWPDB D_1000020048 ?            ?                   
# 
loop_
_pdbx_audit_revision_history.ordinal 
_pdbx_audit_revision_history.data_content_type 
_pdbx_audit_revision_history.major_revision 
_pdbx_audit_revision_history.minor_revision 
_pdbx_audit_revision_history.revision_date 
_pdbx_audit_revision_history.part_number 
1 'Structure model' 1 0 2003-11-11 ? 
2 'Structure model' 1 1 2008-04-29 ? 
3 'Structure model' 1 2 2011-07-13 ? 
4 'Structure model' 1 3 2017-10-11 ? 
5 'Structure model' 2 0 2019-02-06 ? 
6 'Structure model' 2 1 2025-03-26 ? 
# 
_pdbx_audit_revision_details.ordinal             1 
_pdbx_audit_revision_details.revision_ordinal    1 
_pdbx_audit_revision_details.data_content_type   'Structure model' 
_pdbx_audit_revision_details.provider            repository 
_pdbx_audit_revision_details.type                'Initial release' 
_pdbx_audit_revision_details.description         ? 
_pdbx_audit_revision_details.details             ? 
# 
loop_
_pdbx_audit_revision_group.ordinal 
_pdbx_audit_revision_group.revision_ordinal 
_pdbx_audit_revision_group.data_content_type 
_pdbx_audit_revision_group.group 
1  2 'Structure model' 'Version format compliance' 
2  3 'Structure model' 'Derived calculations'      
3  3 'Structure model' 'Version format compliance' 
4  4 'Structure model' 'Refinement description'    
5  5 'Structure model' 'Atomic model'              
6  5 'Structure model' 'Data collection'           
7  5 'Structure model' 'Database references'       
8  5 'Structure model' 'Derived calculations'      
9  5 'Structure model' 'Source and taxonomy'       
10 5 'Structure model' 'Structure summary'         
11 6 'Structure model' 'Data collection'           
12 6 'Structure model' 'Database references'       
13 6 'Structure model' 'Derived calculations'      
14 6 'Structure model' 'Structure summary'         
# 
loop_
_pdbx_audit_revision_category.ordinal 
_pdbx_audit_revision_category.revision_ordinal 
_pdbx_audit_revision_category.data_content_type 
_pdbx_audit_revision_category.category 
1  4 'Structure model' software                  
2  5 'Structure model' atom_site                 
3  5 'Structure model' chem_comp                 
4  5 'Structure model' entity                    
5  5 'Structure model' entity_name_com           
6  5 'Structure model' entity_src_nat            
7  5 'Structure model' pdbx_struct_mod_residue   
8  5 'Structure model' struct_ref                
9  5 'Structure model' struct_ref_seq_dif        
10 6 'Structure model' chem_comp_atom            
11 6 'Structure model' chem_comp_bond            
12 6 'Structure model' database_2                
13 6 'Structure model' pdbx_entry_details        
14 6 'Structure model' pdbx_modification_feature 
15 6 'Structure model' pdbx_struct_conn_angle    
16 6 'Structure model' struct_conn               
17 6 'Structure model' struct_site               
# 
loop_
_pdbx_audit_revision_item.ordinal 
_pdbx_audit_revision_item.revision_ordinal 
_pdbx_audit_revision_item.data_content_type 
_pdbx_audit_revision_item.item 
1  4 'Structure model' '_software.classification'                    
2  4 'Structure model' '_software.name'                              
3  5 'Structure model' '_atom_site.occupancy'                        
4  5 'Structure model' '_entity.pdbx_description'                    
5  5 'Structure model' '_entity_src_nat.common_name'                 
6  5 'Structure model' '_entity_src_nat.pdbx_beg_seq_num'            
7  5 'Structure model' '_entity_src_nat.pdbx_end_seq_num'            
8  5 'Structure model' '_pdbx_struct_mod_residue.details'            
9  5 'Structure model' '_struct_ref.db_code'                         
10 5 'Structure model' '_struct_ref.pdbx_seq_one_letter_code'        
11 6 'Structure model' '_database_2.pdbx_DOI'                        
12 6 'Structure model' '_database_2.pdbx_database_accession'         
13 6 'Structure model' '_pdbx_struct_conn_angle.ptnr1_auth_comp_id'  
14 6 'Structure model' '_pdbx_struct_conn_angle.ptnr1_auth_seq_id'   
15 6 'Structure model' '_pdbx_struct_conn_angle.ptnr1_label_asym_id' 
16 6 'Structure model' '_pdbx_struct_conn_angle.ptnr1_label_atom_id' 
17 6 'Structure model' '_pdbx_struct_conn_angle.ptnr1_label_comp_id' 
18 6 'Structure model' '_pdbx_struct_conn_angle.ptnr1_label_seq_id'  
19 6 'Structure model' '_pdbx_struct_conn_angle.ptnr1_symmetry'      
20 6 'Structure model' '_pdbx_struct_conn_angle.ptnr3_auth_comp_id'  
21 6 'Structure model' '_pdbx_struct_conn_angle.ptnr3_auth_seq_id'   
22 6 'Structure model' '_pdbx_struct_conn_angle.ptnr3_label_asym_id' 
23 6 'Structure model' '_pdbx_struct_conn_angle.ptnr3_label_atom_id' 
24 6 'Structure model' '_pdbx_struct_conn_angle.ptnr3_label_comp_id' 
25 6 'Structure model' '_pdbx_struct_conn_angle.ptnr3_label_seq_id'  
26 6 'Structure model' '_pdbx_struct_conn_angle.ptnr3_symmetry'      
27 6 'Structure model' '_pdbx_struct_conn_angle.value'               
28 6 'Structure model' '_struct_conn.pdbx_dist_value'                
29 6 'Structure model' '_struct_conn.pdbx_leaving_atom_flag'         
30 6 'Structure model' '_struct_conn.ptnr1_auth_comp_id'             
31 6 'Structure model' '_struct_conn.ptnr1_auth_seq_id'              
32 6 'Structure model' '_struct_conn.ptnr1_label_asym_id'            
33 6 'Structure model' '_struct_conn.ptnr1_label_atom_id'            
34 6 'Structure model' '_struct_conn.ptnr1_label_comp_id'            
35 6 'Structure model' '_struct_conn.ptnr1_label_seq_id'             
36 6 'Structure model' '_struct_conn.ptnr1_symmetry'                 
37 6 'Structure model' '_struct_conn.ptnr2_auth_comp_id'             
38 6 'Structure model' '_struct_conn.ptnr2_auth_seq_id'              
39 6 'Structure model' '_struct_conn.ptnr2_label_asym_id'            
40 6 'Structure model' '_struct_conn.ptnr2_label_atom_id'            
41 6 'Structure model' '_struct_conn.ptnr2_label_comp_id'            
42 6 'Structure model' '_struct_conn.ptnr2_label_seq_id'             
43 6 'Structure model' '_struct_conn.ptnr2_symmetry'                 
44 6 'Structure model' '_struct_site.pdbx_auth_asym_id'              
45 6 'Structure model' '_struct_site.pdbx_auth_comp_id'              
46 6 'Structure model' '_struct_site.pdbx_auth_seq_id'               
# 
_pdbx_database_status.status_code                     REL 
_pdbx_database_status.entry_id                        1Q8H 
_pdbx_database_status.recvd_initial_deposition_date   2003-08-21 
_pdbx_database_status.deposit_site                    RCSB 
_pdbx_database_status.process_site                    RCSB 
_pdbx_database_status.status_code_sf                  REL 
_pdbx_database_status.SG_entry                        . 
_pdbx_database_status.status_code_mr                  ? 
_pdbx_database_status.status_code_cs                  ? 
_pdbx_database_status.pdb_format_compatible           Y 
_pdbx_database_status.methods_development_category    ? 
_pdbx_database_status.status_code_nmr_data            ? 
# 
loop_
_audit_author.name 
_audit_author.pdbx_ordinal 
'Hoang, Q.Q.'  1 
'Sicheri, F.'  2 
'Howard, A.J.' 3 
'Yang, D.S.'   4 
# 
_citation.id                        primary 
_citation.title                     'Bone recognition mechanism of porcine osteocalcin from crystal structure.' 
_citation.journal_abbrev            Nature 
_citation.journal_volume            425 
_citation.page_first                977 
_citation.page_last                 980 
_citation.year                      2003 
_citation.journal_id_ASTM           NATUAS 
_citation.country                   UK 
_citation.journal_id_ISSN           0028-0836 
_citation.journal_id_CSD            0006 
_citation.book_publisher            ? 
_citation.pdbx_database_id_PubMed   14586470 
_citation.pdbx_database_id_DOI      10.1038/nature02079 
# 
loop_
_citation_author.citation_id 
_citation_author.name 
_citation_author.ordinal 
_citation_author.identifier_ORCID 
primary 'Hoang, Q.Q.'  1 ? 
primary 'Sicheri, F.'  2 ? 
primary 'Howard, A.J.' 3 ? 
primary 'Yang, D.S.'   4 ? 
# 
loop_
_entity.id 
_entity.type 
_entity.src_method 
_entity.pdbx_description 
_entity.formula_weight 
_entity.pdbx_number_of_molecules 
_entity.pdbx_ec 
_entity.pdbx_mutation 
_entity.pdbx_fragment 
_entity.details 
1 polymer     nat Osteocalcin   5729.201 1  ? ? ? ? 
2 non-polymer syn 'CALCIUM ION' 40.078   3  ? ? ? ? 
3 water       nat water         18.015   61 ? ? ? ? 
# 
_entity_name_com.entity_id   1 
_entity_name_com.name        'Bone Gla protein,BGP,Gamma-carboxyglutamic acid-containing protein' 
# 
_entity_poly.entity_id                      1 
_entity_poly.type                           'polypeptide(L)' 
_entity_poly.nstd_linkage                   no 
_entity_poly.nstd_monomer                   yes 
_entity_poly.pdbx_seq_one_letter_code       'YLDHGLGAPAPYPDPL(CGU)PRR(CGU)VC(CGU)LNPDCDELADHIGFQEAYRRFYGIA' 
_entity_poly.pdbx_seq_one_letter_code_can   YLDHGLGAPAPYPDPLEPRREVCELNPDCDELADHIGFQEAYRRFYGIA 
_entity_poly.pdbx_strand_id                 A 
_entity_poly.pdbx_target_identifier         ? 
# 
loop_
_pdbx_entity_nonpoly.entity_id 
_pdbx_entity_nonpoly.name 
_pdbx_entity_nonpoly.comp_id 
2 'CALCIUM ION' CA  
3 water         HOH 
# 
loop_
_entity_poly_seq.entity_id 
_entity_poly_seq.num 
_entity_poly_seq.mon_id 
_entity_poly_seq.hetero 
1 1  TYR n 
1 2  LEU n 
1 3  ASP n 
1 4  HIS n 
1 5  GLY n 
1 6  LEU n 
1 7  GLY n 
1 8  ALA n 
1 9  PRO n 
1 10 ALA n 
1 11 PRO n 
1 12 TYR n 
1 13 PRO n 
1 14 ASP n 
1 15 PRO n 
1 16 LEU n 
1 17 CGU n 
1 18 PRO n 
1 19 ARG n 
1 20 ARG n 
1 21 CGU n 
1 22 VAL n 
1 23 CYS n 
1 24 CGU n 
1 25 LEU n 
1 26 ASN n 
1 27 PRO n 
1 28 ASP n 
1 29 CYS n 
1 30 ASP n 
1 31 GLU n 
1 32 LEU n 
1 33 ALA n 
1 34 ASP n 
1 35 HIS n 
1 36 ILE n 
1 37 GLY n 
1 38 PHE n 
1 39 GLN n 
1 40 GLU n 
1 41 ALA n 
1 42 TYR n 
1 43 ARG n 
1 44 ARG n 
1 45 PHE n 
1 46 TYR n 
1 47 GLY n 
1 48 ILE n 
1 49 ALA n 
# 
_entity_src_nat.entity_id                  1 
_entity_src_nat.pdbx_src_id                1 
_entity_src_nat.pdbx_alt_source_flag       sample 
_entity_src_nat.pdbx_beg_seq_num           1 
_entity_src_nat.pdbx_end_seq_num           49 
_entity_src_nat.common_name                Pig 
_entity_src_nat.pdbx_organism_scientific   'Sus scrofa' 
_entity_src_nat.pdbx_ncbi_taxonomy_id      9823 
_entity_src_nat.genus                      Sus 
_entity_src_nat.species                    ? 
_entity_src_nat.strain                     ? 
_entity_src_nat.tissue                     ? 
_entity_src_nat.tissue_fraction            ? 
_entity_src_nat.pdbx_secretion             ? 
_entity_src_nat.pdbx_fragment              ? 
_entity_src_nat.pdbx_variant               ? 
_entity_src_nat.pdbx_cell_line             ? 
_entity_src_nat.pdbx_atcc                  ? 
_entity_src_nat.pdbx_cellular_location     ? 
_entity_src_nat.pdbx_organ                 ? 
_entity_src_nat.pdbx_organelle             ? 
_entity_src_nat.pdbx_cell                  ? 
_entity_src_nat.pdbx_plasmid_name          ? 
_entity_src_nat.pdbx_plasmid_details       ? 
_entity_src_nat.details                    ? 
# 
loop_
_chem_comp.id 
_chem_comp.type 
_chem_comp.mon_nstd_flag 
_chem_comp.name 
_chem_comp.pdbx_synonyms 
_chem_comp.formula 
_chem_comp.formula_weight 
ALA 'L-peptide linking' y ALANINE                       ? 'C3 H7 N O2'     89.093  
ARG 'L-peptide linking' y ARGININE                      ? 'C6 H15 N4 O2 1' 175.209 
ASN 'L-peptide linking' y ASPARAGINE                    ? 'C4 H8 N2 O3'    132.118 
ASP 'L-peptide linking' y 'ASPARTIC ACID'               ? 'C4 H7 N O4'     133.103 
CA  non-polymer         . 'CALCIUM ION'                 ? 'Ca 2'           40.078  
CGU 'L-peptide linking' n 'GAMMA-CARBOXY-GLUTAMIC ACID' ? 'C6 H9 N O6'     191.139 
CYS 'L-peptide linking' y CYSTEINE                      ? 'C3 H7 N O2 S'   121.158 
GLN 'L-peptide linking' y GLUTAMINE                     ? 'C5 H10 N2 O3'   146.144 
GLU 'L-peptide linking' y 'GLUTAMIC ACID'               ? 'C5 H9 N O4'     147.129 
GLY 'peptide linking'   y GLYCINE                       ? 'C2 H5 N O2'     75.067  
HIS 'L-peptide linking' y HISTIDINE                     ? 'C6 H10 N3 O2 1' 156.162 
HOH non-polymer         . WATER                         ? 'H2 O'           18.015  
ILE 'L-peptide linking' y ISOLEUCINE                    ? 'C6 H13 N O2'    131.173 
LEU 'L-peptide linking' y LEUCINE                       ? 'C6 H13 N O2'    131.173 
PHE 'L-peptide linking' y PHENYLALANINE                 ? 'C9 H11 N O2'    165.189 
PRO 'L-peptide linking' y PROLINE                       ? 'C5 H9 N O2'     115.130 
TYR 'L-peptide linking' y TYROSINE                      ? 'C9 H11 N O3'    181.189 
VAL 'L-peptide linking' y VALINE                        ? 'C5 H11 N O2'    117.146 
# 
loop_
_pdbx_poly_seq_scheme.asym_id 
_pdbx_poly_seq_scheme.entity_id 
_pdbx_poly_seq_scheme.seq_id 
_pdbx_poly_seq_scheme.mon_id 
_pdbx_poly_seq_scheme.ndb_seq_num 
_pdbx_poly_seq_scheme.pdb_seq_num 
_pdbx_poly_seq_scheme.auth_seq_num 
_pdbx_poly_seq_scheme.pdb_mon_id 
_pdbx_poly_seq_scheme.auth_mon_id 
_pdbx_poly_seq_scheme.pdb_strand_id 
_pdbx_poly_seq_scheme.pdb_ins_code 
_pdbx_poly_seq_scheme.hetero 
A 1 1  TYR 1  1  ?  ?   ?   A . n 
A 1 2  LEU 2  2  ?  ?   ?   A . n 
A 1 3  ASP 3  3  ?  ?   ?   A . n 
A 1 4  HIS 4  4  ?  ?   ?   A . n 
A 1 5  GLY 5  5  ?  ?   ?   A . n 
A 1 6  LEU 6  6  ?  ?   ?   A . n 
A 1 7  GLY 7  7  ?  ?   ?   A . n 
A 1 8  ALA 8  8  ?  ?   ?   A . n 
A 1 9  PRO 9  9  ?  ?   ?   A . n 
A 1 10 ALA 10 10 ?  ?   ?   A . n 
A 1 11 PRO 11 11 ?  ?   ?   A . n 
A 1 12 TYR 12 12 ?  ?   ?   A . n 
A 1 13 PRO 13 13 13 PRO PRO A . n 
A 1 14 ASP 14 14 14 ASP ASP A . n 
A 1 15 PRO 15 15 15 PRO PRO A . n 
A 1 16 LEU 16 16 16 LEU LEU A . n 
A 1 17 CGU 17 17 17 CGU CGU A . n 
A 1 18 PRO 18 18 18 PRO PRO A . n 
A 1 19 ARG 19 19 19 ARG ARG A . n 
A 1 20 ARG 20 20 20 ARG ARG A . n 
A 1 21 CGU 21 21 21 CGU CGU A . n 
A 1 22 VAL 22 22 22 VAL VAL A . n 
A 1 23 CYS 23 23 23 CYS CYS A . n 
A 1 24 CGU 24 24 24 CGU CGU A . n 
A 1 25 LEU 25 25 25 LEU LEU A . n 
A 1 26 ASN 26 26 26 ASN ASN A . n 
A 1 27 PRO 27 27 27 PRO PRO A . n 
A 1 28 ASP 28 28 28 ASP ASP A . n 
A 1 29 CYS 29 29 29 CYS CYS A . n 
A 1 30 ASP 30 30 30 ASP ASP A . n 
A 1 31 GLU 31 31 31 GLU GLU A . n 
A 1 32 LEU 32 32 32 LEU LEU A . n 
A 1 33 ALA 33 33 33 ALA ALA A . n 
A 1 34 ASP 34 34 34 ASP ASP A . n 
A 1 35 HIS 35 35 35 HIS HIS A . n 
A 1 36 ILE 36 36 36 ILE ILE A . n 
A 1 37 GLY 37 37 37 GLY GLY A . n 
A 1 38 PHE 38 38 38 PHE PHE A . n 
A 1 39 GLN 39 39 39 GLN GLN A . n 
A 1 40 GLU 40 40 40 GLU GLU A . n 
A 1 41 ALA 41 41 41 ALA ALA A . n 
A 1 42 TYR 42 42 42 TYR TYR A . n 
A 1 43 ARG 43 43 43 ARG ARG A . n 
A 1 44 ARG 44 44 44 ARG ARG A . n 
A 1 45 PHE 45 45 45 PHE PHE A . n 
A 1 46 TYR 46 46 46 TYR TYR A . n 
A 1 47 GLY 47 47 47 GLY GLY A . n 
A 1 48 ILE 48 48 48 ILE ILE A . n 
A 1 49 ALA 49 49 49 ALA ALA A . n 
# 
loop_
_pdbx_nonpoly_scheme.asym_id 
_pdbx_nonpoly_scheme.entity_id 
_pdbx_nonpoly_scheme.mon_id 
_pdbx_nonpoly_scheme.ndb_seq_num 
_pdbx_nonpoly_scheme.pdb_seq_num 
_pdbx_nonpoly_scheme.auth_seq_num 
_pdbx_nonpoly_scheme.pdb_mon_id 
_pdbx_nonpoly_scheme.auth_mon_id 
_pdbx_nonpoly_scheme.pdb_strand_id 
_pdbx_nonpoly_scheme.pdb_ins_code 
B 2 CA  1  71  71 CA  CA  A . 
C 2 CA  1  72  72 CA  CA  A . 
D 2 CA  1  73  73 CA  CA  A . 
E 3 HOH 1  74  1  HOH HOH A . 
E 3 HOH 2  75  2  HOH HOH A . 
E 3 HOH 3  76  3  HOH HOH A . 
E 3 HOH 4  77  4  HOH HOH A . 
E 3 HOH 5  78  5  HOH HOH A . 
E 3 HOH 6  79  6  HOH HOH A . 
E 3 HOH 7  80  7  HOH HOH A . 
E 3 HOH 8  81  8  HOH HOH A . 
E 3 HOH 9  82  9  HOH HOH A . 
E 3 HOH 10 83  10 HOH HOH A . 
E 3 HOH 11 84  11 HOH HOH A . 
E 3 HOH 12 85  12 HOH HOH A . 
E 3 HOH 13 86  13 HOH HOH A . 
E 3 HOH 14 87  14 HOH HOH A . 
E 3 HOH 15 88  15 HOH HOH A . 
E 3 HOH 16 89  16 HOH HOH A . 
E 3 HOH 17 90  17 HOH HOH A . 
E 3 HOH 18 91  18 HOH HOH A . 
E 3 HOH 19 92  19 HOH HOH A . 
E 3 HOH 20 93  20 HOH HOH A . 
E 3 HOH 21 94  21 HOH HOH A . 
E 3 HOH 22 95  22 HOH HOH A . 
E 3 HOH 23 96  23 HOH HOH A . 
E 3 HOH 24 97  24 HOH HOH A . 
E 3 HOH 25 98  25 HOH HOH A . 
E 3 HOH 26 99  26 HOH HOH A . 
E 3 HOH 27 100 27 HOH HOH A . 
E 3 HOH 28 101 28 HOH HOH A . 
E 3 HOH 29 102 29 HOH HOH A . 
E 3 HOH 30 103 30 HOH HOH A . 
E 3 HOH 31 104 31 HOH HOH A . 
E 3 HOH 32 105 33 HOH HOH A . 
E 3 HOH 33 106 34 HOH HOH A . 
E 3 HOH 34 107 35 HOH HOH A . 
E 3 HOH 35 108 36 HOH HOH A . 
E 3 HOH 36 109 37 HOH HOH A . 
E 3 HOH 37 110 38 HOH HOH A . 
E 3 HOH 38 111 39 HOH HOH A . 
E 3 HOH 39 112 40 HOH HOH A . 
E 3 HOH 40 113 41 HOH HOH A . 
E 3 HOH 41 114 42 HOH HOH A . 
E 3 HOH 42 115 43 HOH HOH A . 
E 3 HOH 43 116 44 HOH HOH A . 
E 3 HOH 44 117 45 HOH HOH A . 
E 3 HOH 45 118 46 HOH HOH A . 
E 3 HOH 46 119 47 HOH HOH A . 
E 3 HOH 47 120 48 HOH HOH A . 
E 3 HOH 48 121 49 HOH HOH A . 
E 3 HOH 49 122 50 HOH HOH A . 
E 3 HOH 50 123 51 HOH HOH A . 
E 3 HOH 51 124 52 HOH HOH A . 
E 3 HOH 52 125 53 HOH HOH A . 
E 3 HOH 53 126 54 HOH HOH A . 
E 3 HOH 54 127 55 HOH HOH A . 
E 3 HOH 55 128 56 HOH HOH A . 
E 3 HOH 56 129 57 HOH HOH A . 
E 3 HOH 57 130 58 HOH HOH A . 
E 3 HOH 58 131 59 HOH HOH A . 
E 3 HOH 59 132 60 HOH HOH A . 
E 3 HOH 60 133 63 HOH HOH A . 
E 3 HOH 61 134 64 HOH HOH A . 
# 
loop_
_software.name 
_software.classification 
_software.version 
_software.citation_id 
_software.pdbx_ordinal 
CNS       refinement        1.1 ? 1 
MAR345    'data collection' .   ? 2 
SCALEPACK 'data scaling'    .   ? 3 
SOLVE     phasing           .   ? 4 
# 
_cell.entry_id           1Q8H 
_cell.length_a           51.491 
_cell.length_b           51.491 
_cell.length_c           35.389 
_cell.angle_alpha        90.00 
_cell.angle_beta         90.00 
_cell.angle_gamma        120.00 
_cell.Z_PDB              6 
_cell.pdbx_unique_axis   ? 
_cell.length_a_esd       ? 
_cell.length_b_esd       ? 
_cell.length_c_esd       ? 
_cell.angle_alpha_esd    ? 
_cell.angle_beta_esd     ? 
_cell.angle_gamma_esd    ? 
# 
_symmetry.entry_id                         1Q8H 
_symmetry.space_group_name_H-M             'P 31 2 1' 
_symmetry.pdbx_full_space_group_name_H-M   ? 
_symmetry.cell_setting                     ? 
_symmetry.Int_Tables_number                152 
_symmetry.space_group_name_Hall            ? 
# 
_exptl.entry_id          1Q8H 
_exptl.method            'X-RAY DIFFRACTION' 
_exptl.crystals_number   1 
# 
_exptl_crystal.id                    1 
_exptl_crystal.density_meas          ? 
_exptl_crystal.density_Matthews      2.36 
_exptl_crystal.density_percent_sol   47.91 
_exptl_crystal.description           ? 
_exptl_crystal.F_000                 ? 
_exptl_crystal.preparation           ? 
# 
_exptl_crystal_grow.crystal_id      1 
_exptl_crystal_grow.method          'VAPOR DIFFUSION, HANGING DROP' 
_exptl_crystal_grow.temp            298 
_exptl_crystal_grow.temp_details    ? 
_exptl_crystal_grow.pH              7.4 
_exptl_crystal_grow.pdbx_details    'PEG 4000, Calcium Chloride, HEPES, pH 7.4, VAPOR DIFFUSION, HANGING DROP, temperature 298K' 
_exptl_crystal_grow.pdbx_pH_range   ? 
# 
_diffrn.id                     1 
_diffrn.ambient_temp           100 
_diffrn.ambient_temp_details   ? 
_diffrn.crystal_id             1 
# 
_diffrn_detector.diffrn_id              1 
_diffrn_detector.detector               CCD 
_diffrn_detector.type                   MARRESEARCH 
_diffrn_detector.pdbx_collection_date   ? 
_diffrn_detector.details                ? 
# 
_diffrn_radiation.diffrn_id                        1 
_diffrn_radiation.wavelength_id                    1 
_diffrn_radiation.pdbx_monochromatic_or_laue_m_l   M 
_diffrn_radiation.monochromator                    ? 
_diffrn_radiation.pdbx_diffrn_protocol             'SINGLE WAVELENGTH' 
_diffrn_radiation.pdbx_scattering_type             x-ray 
# 
_diffrn_radiation_wavelength.id           1 
_diffrn_radiation_wavelength.wavelength   1.7 
_diffrn_radiation_wavelength.wt           1.0 
# 
_diffrn_source.diffrn_id                   1 
_diffrn_source.source                      SYNCHROTRON 
_diffrn_source.type                        'APS BEAMLINE 17-ID' 
_diffrn_source.pdbx_synchrotron_site       APS 
_diffrn_source.pdbx_synchrotron_beamline   17-ID 
_diffrn_source.pdbx_wavelength             ? 
_diffrn_source.pdbx_wavelength_list        1.7 
# 
_reflns.entry_id                     1Q8H 
_reflns.observed_criterion_sigma_I   2 
_reflns.observed_criterion_sigma_F   2 
_reflns.d_resolution_low             30.0 
_reflns.d_resolution_high            2 
_reflns.number_obs                   6230 
_reflns.number_all                   ? 
_reflns.percent_possible_obs         ? 
_reflns.pdbx_Rmerge_I_obs            ? 
_reflns.pdbx_Rsym_value              0.049 
_reflns.pdbx_netI_over_sigmaI        ? 
_reflns.B_iso_Wilson_estimate        17.6 
_reflns.pdbx_redundancy              ? 
_reflns.R_free_details               ? 
_reflns.limit_h_max                  ? 
_reflns.limit_h_min                  ? 
_reflns.limit_k_max                  ? 
_reflns.limit_k_min                  ? 
_reflns.limit_l_max                  ? 
_reflns.limit_l_min                  ? 
_reflns.observed_criterion_F_max     ? 
_reflns.observed_criterion_F_min     ? 
_reflns.pdbx_chi_squared             ? 
_reflns.pdbx_scaling_rejects         ? 
_reflns.pdbx_ordinal                 1 
_reflns.pdbx_diffrn_id               1 
# 
_reflns_shell.d_res_high             2 
_reflns_shell.d_res_low              2.07 
_reflns_shell.percent_possible_all   94.3 
_reflns_shell.Rmerge_I_obs           ? 
_reflns_shell.pdbx_Rsym_value        0.214 
_reflns_shell.meanI_over_sigI_obs    ? 
_reflns_shell.pdbx_redundancy        ? 
_reflns_shell.percent_possible_obs   ? 
_reflns_shell.number_unique_all      ? 
_reflns_shell.number_measured_all    ? 
_reflns_shell.number_measured_obs    ? 
_reflns_shell.number_unique_obs      ? 
_reflns_shell.pdbx_chi_squared       ? 
_reflns_shell.pdbx_ordinal           1 
_reflns_shell.pdbx_diffrn_id         1 
# 
_refine.entry_id                                 1Q8H 
_refine.ls_number_reflns_obs                     6230 
_refine.ls_number_reflns_all                     6783 
_refine.pdbx_ls_sigma_I                          ? 
_refine.pdbx_ls_sigma_F                          3.00 
_refine.pdbx_data_cutoff_high_absF               462281.14 
_refine.pdbx_data_cutoff_low_absF                0.000000 
_refine.pdbx_data_cutoff_high_rms_absF           ? 
_refine.ls_d_res_low                             27.72 
_refine.ls_d_res_high                            2.00 
_refine.ls_percent_reflns_obs                    87.7 
_refine.ls_R_factor_obs                          0.255 
_refine.ls_R_factor_all                          0.272 
_refine.ls_R_factor_R_work                       0.255 
_refine.ls_R_factor_R_free                       0.283 
_refine.ls_R_factor_R_free_error                 0.009 
_refine.ls_R_factor_R_free_error_details         ? 
_refine.ls_percent_reflns_R_free                 15.2 
_refine.ls_number_reflns_R_free                  948 
_refine.ls_number_parameters                     ? 
_refine.ls_number_restraints                     ? 
_refine.occupancy_min                            ? 
_refine.occupancy_max                            ? 
_refine.correlation_coeff_Fo_to_Fc               ? 
_refine.correlation_coeff_Fo_to_Fc_free          ? 
_refine.B_iso_mean                               37.1 
_refine.aniso_B[1][1]                            2.05 
_refine.aniso_B[2][2]                            2.05 
_refine.aniso_B[3][3]                            -4.10 
_refine.aniso_B[1][2]                            3.91 
_refine.aniso_B[1][3]                            0.00 
_refine.aniso_B[2][3]                            0.00 
_refine.solvent_model_details                    'FLAT MODEL' 
_refine.solvent_model_param_ksol                 0.349568 
_refine.solvent_model_param_bsol                 32.3123 
_refine.pdbx_solvent_vdw_probe_radii             ? 
_refine.pdbx_solvent_ion_probe_radii             ? 
_refine.pdbx_solvent_shrinkage_radii             ? 
_refine.pdbx_ls_cross_valid_method               THROUGHOUT 
_refine.details                                  ? 
_refine.pdbx_starting_model                      ? 
_refine.pdbx_method_to_determine_struct          ISAS 
_refine.pdbx_isotropic_thermal_model             RESTRAINED 
_refine.pdbx_stereochemistry_target_values       'Engh & Huber' 
_refine.pdbx_stereochem_target_val_spec_case     ? 
_refine.pdbx_R_Free_selection_details            RANDOM 
_refine.pdbx_overall_ESU_R_Free                  ? 
_refine.overall_SU_ML                            ? 
_refine.overall_SU_B                             ? 
_refine.ls_redundancy_reflns_obs                 ? 
_refine.B_iso_min                                ? 
_refine.B_iso_max                                ? 
_refine.overall_SU_R_Cruickshank_DPI             ? 
_refine.overall_SU_R_free                        ? 
_refine.pdbx_refine_id                           'X-RAY DIFFRACTION' 
_refine.pdbx_overall_phase_error                 ? 
_refine.ls_wR_factor_R_free                      ? 
_refine.ls_wR_factor_R_work                      ? 
_refine.overall_FOM_free_R_set                   ? 
_refine.overall_FOM_work_R_set                   ? 
_refine.pdbx_overall_ESU_R                       ? 
_refine.pdbx_diffrn_id                           1 
_refine.pdbx_TLS_residual_ADP_flag               ? 
_refine.pdbx_overall_SU_R_free_Cruickshank_DPI   ? 
_refine.pdbx_overall_SU_R_Blow_DPI               ? 
_refine.pdbx_overall_SU_R_free_Blow_DPI          ? 
# 
_refine_analyze.entry_id                        1Q8H 
_refine_analyze.Luzzati_coordinate_error_obs    0.31 
_refine_analyze.Luzzati_sigma_a_obs             0.27 
_refine_analyze.Luzzati_d_res_low_obs           5.00 
_refine_analyze.Luzzati_coordinate_error_free   0.36 
_refine_analyze.Luzzati_sigma_a_free            0.35 
_refine_analyze.Luzzati_d_res_low_free          ? 
_refine_analyze.number_disordered_residues      ? 
_refine_analyze.occupancy_sum_hydrogen          ? 
_refine_analyze.occupancy_sum_non_hydrogen      ? 
_refine_analyze.pdbx_Luzzati_d_res_high_obs     ? 
_refine_analyze.pdbx_refine_id                  'X-RAY DIFFRACTION' 
# 
_refine_hist.pdbx_refine_id                   'X-RAY DIFFRACTION' 
_refine_hist.cycle_id                         LAST 
_refine_hist.pdbx_number_atoms_protein        314 
_refine_hist.pdbx_number_atoms_nucleic_acid   0 
_refine_hist.pdbx_number_atoms_ligand         3 
_refine_hist.number_atoms_solvent             61 
_refine_hist.number_atoms_total               378 
_refine_hist.d_res_high                       2.00 
_refine_hist.d_res_low                        27.72 
# 
loop_
_refine_ls_restr.type 
_refine_ls_restr.dev_ideal 
_refine_ls_restr.dev_ideal_target 
_refine_ls_restr.weight 
_refine_ls_restr.number 
_refine_ls_restr.pdbx_refine_id 
_refine_ls_restr.pdbx_restraint_function 
c_bond_d           0.006 ? ? ? 'X-RAY DIFFRACTION' ? 
c_angle_deg        1.3   ? ? ? 'X-RAY DIFFRACTION' ? 
c_dihedral_angle_d 20.5  ? ? ? 'X-RAY DIFFRACTION' ? 
c_improper_angle_d 0.99  ? ? ? 'X-RAY DIFFRACTION' ? 
# 
_refine_ls_shell.pdbx_total_number_of_bins_used   6 
_refine_ls_shell.d_res_high                       2.00 
_refine_ls_shell.d_res_low                        2.13 
_refine_ls_shell.number_reflns_R_work             704 
_refine_ls_shell.R_factor_R_work                  0.306 
_refine_ls_shell.percent_reflns_obs               68.6 
_refine_ls_shell.R_factor_R_free                  0.4 
_refine_ls_shell.R_factor_R_free_error            0.039 
_refine_ls_shell.percent_reflns_R_free            12.9 
_refine_ls_shell.number_reflns_R_free             104 
_refine_ls_shell.number_reflns_obs                ? 
_refine_ls_shell.redundancy_reflns_obs            ? 
_refine_ls_shell.number_reflns_all                ? 
_refine_ls_shell.pdbx_refine_id                   'X-RAY DIFFRACTION' 
_refine_ls_shell.R_factor_all                     ? 
# 
loop_
_pdbx_xplor_file.serial_no 
_pdbx_xplor_file.param_file 
_pdbx_xplor_file.topol_file 
_pdbx_xplor_file.pdbx_refine_id 
1 PROTEIN_REP.PARAM PROTEIN.TOP 'X-RAY DIFFRACTION' 
2 DNA-RNA_REP.PARAM DNA-RNA.TOP 'X-RAY DIFFRACTION' 
3 WATER_REP.PARAM   WATER.TOP   'X-RAY DIFFRACTION' 
4 ION.PARAM         ION.TOP     'X-RAY DIFFRACTION' 
# 
_struct.entry_id                  1Q8H 
_struct.title                     'Crystal structure of porcine osteocalcin' 
_struct.pdbx_model_details        ? 
_struct.pdbx_CASP_flag            ? 
_struct.pdbx_model_type_details   ? 
# 
_struct_keywords.entry_id        1Q8H 
_struct_keywords.pdbx_keywords   'METAL BINDING PROTEIN' 
_struct_keywords.text            
;helix-turn-helix-turn-helix, Paper-clip, hydroxyapatite crystal surface binding protein, calcium binding protein, bone gla protein, METAL BINDING PROTEIN
;
# 
loop_
_struct_asym.id 
_struct_asym.pdbx_blank_PDB_chainid_flag 
_struct_asym.pdbx_modified 
_struct_asym.entity_id 
_struct_asym.details 
A N N 1 ? 
B N N 2 ? 
C N N 2 ? 
D N N 2 ? 
E N N 3 ? 
# 
_struct_ref.id                         1 
_struct_ref.db_name                    UNP 
_struct_ref.db_code                    OSTCN_PIG 
_struct_ref.pdbx_db_accession          Q8HYY9 
_struct_ref.pdbx_db_isoform            ? 
_struct_ref.entity_id                  1 
_struct_ref.pdbx_seq_one_letter_code   YLDHGLGAPAPYPDPLEPRREVCELNPDCDELADHIGFQEAYRRFYGIA 
_struct_ref.pdbx_align_begin           1 
# 
_struct_ref_seq.align_id                      1 
_struct_ref_seq.ref_id                        1 
_struct_ref_seq.pdbx_PDB_id_code              1Q8H 
_struct_ref_seq.pdbx_strand_id                A 
_struct_ref_seq.seq_align_beg                 1 
_struct_ref_seq.pdbx_seq_align_beg_ins_code   ? 
_struct_ref_seq.seq_align_end                 49 
_struct_ref_seq.pdbx_seq_align_end_ins_code   ? 
_struct_ref_seq.pdbx_db_accession             Q8HYY9 
_struct_ref_seq.db_align_beg                  1 
_struct_ref_seq.pdbx_db_align_beg_ins_code    ? 
_struct_ref_seq.db_align_end                  49 
_struct_ref_seq.pdbx_db_align_end_ins_code    ? 
_struct_ref_seq.pdbx_auth_seq_align_beg       1 
_struct_ref_seq.pdbx_auth_seq_align_end       49 
# 
_pdbx_struct_assembly.id                   1 
_pdbx_struct_assembly.details              author_and_software_defined_assembly 
_pdbx_struct_assembly.method_details       PISA 
_pdbx_struct_assembly.oligomeric_details   dimeric 
_pdbx_struct_assembly.oligomeric_count     2 
# 
loop_
_pdbx_struct_assembly_prop.biol_id 
_pdbx_struct_assembly_prop.type 
_pdbx_struct_assembly_prop.value 
_pdbx_struct_assembly_prop.details 
1 'ABSA (A^2)' 1250 ? 
1 MORE         -70  ? 
1 'SSA (A^2)'  5320 ? 
# 
_pdbx_struct_assembly_gen.assembly_id       1 
_pdbx_struct_assembly_gen.oper_expression   1,2 
_pdbx_struct_assembly_gen.asym_id_list      A,B,C,D,E 
# 
loop_
_pdbx_struct_oper_list.id 
_pdbx_struct_oper_list.type 
_pdbx_struct_oper_list.name 
_pdbx_struct_oper_list.symmetry_operation 
_pdbx_struct_oper_list.matrix[1][1] 
_pdbx_struct_oper_list.matrix[1][2] 
_pdbx_struct_oper_list.matrix[1][3] 
_pdbx_struct_oper_list.vector[1] 
_pdbx_struct_oper_list.matrix[2][1] 
_pdbx_struct_oper_list.matrix[2][2] 
_pdbx_struct_oper_list.matrix[2][3] 
_pdbx_struct_oper_list.vector[2] 
_pdbx_struct_oper_list.matrix[3][1] 
_pdbx_struct_oper_list.matrix[3][2] 
_pdbx_struct_oper_list.matrix[3][3] 
_pdbx_struct_oper_list.vector[3] 
1 'identity operation'         1_555 x,y,z    1.0000000000  0.0000000000 0.0000000000 0.0000000000   0.0000000000 1.0000000000  0.0000000000 0.0000000000 0.0000000000 0.0000000000 1.0000000000 0.0000000000 
2 'crystal symmetry operation' 4_557 y,x,-z+2 -0.9726765859 0.1449501938 0.1813551779 -20.5391033659 0.1449501938 -0.2310419699 0.9620857807 2.0649121349 0.1813551779 0.9620857807 0.2037185558 1.4440669150 
# 
_struct_biol.id                    1 
_struct_biol.pdbx_parent_biol_id   ? 
_struct_biol.details               ? 
# 
loop_
_struct_conf.conf_type_id 
_struct_conf.id 
_struct_conf.pdbx_PDB_helix_id 
_struct_conf.beg_label_comp_id 
_struct_conf.beg_label_asym_id 
_struct_conf.beg_label_seq_id 
_struct_conf.pdbx_beg_PDB_ins_code 
_struct_conf.end_label_comp_id 
_struct_conf.end_label_asym_id 
_struct_conf.end_label_seq_id 
_struct_conf.pdbx_end_PDB_ins_code 
_struct_conf.beg_auth_comp_id 
_struct_conf.beg_auth_asym_id 
_struct_conf.beg_auth_seq_id 
_struct_conf.end_auth_comp_id 
_struct_conf.end_auth_asym_id 
_struct_conf.end_auth_seq_id 
_struct_conf.pdbx_PDB_helix_class 
_struct_conf.details 
_struct_conf.pdbx_PDB_helix_length 
HELX_P HELX_P1 1 LEU A 16 ? ASN A 26 ? LEU A 16 ASN A 26 1 ? 11 
HELX_P HELX_P2 2 ASN A 26 ? GLY A 37 ? ASN A 26 GLY A 37 1 ? 12 
HELX_P HELX_P3 3 GLY A 37 ? GLY A 47 ? GLY A 37 GLY A 47 1 ? 11 
# 
_struct_conf_type.id          HELX_P 
_struct_conf_type.criteria    ? 
_struct_conf_type.reference   ? 
# 
loop_
_struct_conn.id 
_struct_conn.conn_type_id 
_struct_conn.pdbx_leaving_atom_flag 
_struct_conn.pdbx_PDB_id 
_struct_conn.ptnr1_label_asym_id 
_struct_conn.ptnr1_label_comp_id 
_struct_conn.ptnr1_label_seq_id 
_struct_conn.ptnr1_label_atom_id 
_struct_conn.pdbx_ptnr1_label_alt_id 
_struct_conn.pdbx_ptnr1_PDB_ins_code 
_struct_conn.pdbx_ptnr1_standard_comp_id 
_struct_conn.ptnr1_symmetry 
_struct_conn.ptnr2_label_asym_id 
_struct_conn.ptnr2_label_comp_id 
_struct_conn.ptnr2_label_seq_id 
_struct_conn.ptnr2_label_atom_id 
_struct_conn.pdbx_ptnr2_label_alt_id 
_struct_conn.pdbx_ptnr2_PDB_ins_code 
_struct_conn.ptnr1_auth_asym_id 
_struct_conn.ptnr1_auth_comp_id 
_struct_conn.ptnr1_auth_seq_id 
_struct_conn.ptnr2_auth_asym_id 
_struct_conn.ptnr2_auth_comp_id 
_struct_conn.ptnr2_auth_seq_id 
_struct_conn.ptnr2_symmetry 
_struct_conn.pdbx_ptnr3_label_atom_id 
_struct_conn.pdbx_ptnr3_label_seq_id 
_struct_conn.pdbx_ptnr3_label_comp_id 
_struct_conn.pdbx_ptnr3_label_asym_id 
_struct_conn.pdbx_ptnr3_label_alt_id 
_struct_conn.pdbx_ptnr3_PDB_ins_code 
_struct_conn.details 
_struct_conn.pdbx_dist_value 
_struct_conn.pdbx_value_order 
_struct_conn.pdbx_role 
disulf1  disulf ?    ? A CYS 23 SG   ? ? ? 1_555 A CYS 29 SG ? ? A CYS 23 A CYS 29  1_555 ? ? ? ? ? ? ? 2.037 ? ? 
covale1  covale both ? A LEU 16 C    ? ? ? 1_555 A CGU 17 N  ? ? A LEU 16 A CGU 17  1_555 ? ? ? ? ? ? ? 1.332 ? ? 
covale2  covale both ? A CGU 17 C    ? ? ? 1_555 A PRO 18 N  ? ? A CGU 17 A PRO 18  1_555 ? ? ? ? ? ? ? 1.341 ? ? 
covale3  covale both ? A ARG 20 C    ? ? ? 1_555 A CGU 21 N  ? ? A ARG 20 A CGU 21  1_555 ? ? ? ? ? ? ? 1.336 ? ? 
covale4  covale both ? A CGU 21 C    ? ? ? 1_555 A VAL 22 N  ? ? A CGU 21 A VAL 22  1_555 ? ? ? ? ? ? ? 1.333 ? ? 
covale5  covale both ? A CYS 23 C    ? ? ? 1_555 A CGU 24 N  ? ? A CYS 23 A CGU 24  1_555 ? ? ? ? ? ? ? 1.334 ? ? 
covale6  covale both ? A CGU 24 C    ? ? ? 1_555 A LEU 25 N  ? ? A CGU 24 A LEU 25  1_555 ? ? ? ? ? ? ? 1.328 ? ? 
metalc1  metalc ?    ? A CGU 17 OE22 ? ? ? 4_557 B CA  .  CA ? ? A CGU 17 A CA  71  1_555 ? ? ? ? ? ? ? 2.366 ? ? 
metalc2  metalc ?    ? A CGU 17 OE12 ? ? ? 4_557 B CA  .  CA ? ? A CGU 17 A CA  71  1_555 ? ? ? ? ? ? ? 2.582 ? ? 
metalc3  metalc ?    ? A CGU 17 OE22 ? ? ? 4_557 C CA  .  CA ? ? A CGU 17 A CA  72  1_555 ? ? ? ? ? ? ? 2.375 ? ? 
metalc4  metalc ?    ? A CGU 17 OE21 ? ? ? 4_557 C CA  .  CA ? ? A CGU 17 A CA  72  1_555 ? ? ? ? ? ? ? 3.153 ? ? 
metalc5  metalc ?    ? A CGU 21 OE11 ? ? ? 4_557 B CA  .  CA ? ? A CGU 21 A CA  71  1_555 ? ? ? ? ? ? ? 2.131 ? ? 
metalc6  metalc ?    ? A CGU 21 OE22 ? ? ? 4_557 B CA  .  CA ? ? A CGU 21 A CA  71  1_555 ? ? ? ? ? ? ? 2.982 ? ? 
metalc7  metalc ?    ? A CGU 21 OE11 ? ? ? 1_555 D CA  .  CA ? ? A CGU 21 A CA  73  1_555 ? ? ? ? ? ? ? 2.822 ? ? 
metalc8  metalc ?    ? A CGU 21 OE11 ? ? ? 4_557 D CA  .  CA ? ? A CGU 21 A CA  73  1_555 ? ? ? ? ? ? ? 2.765 ? ? 
metalc9  metalc ?    ? A CGU 24 OE11 ? ? ? 1_555 B CA  .  CA ? ? A CGU 24 A CA  71  1_555 ? ? ? ? ? ? ? 2.450 ? ? 
metalc10 metalc ?    ? A CGU 24 OE22 ? ? ? 1_555 B CA  .  CA ? ? A CGU 24 A CA  71  1_555 ? ? ? ? ? ? ? 2.536 ? ? 
metalc11 metalc ?    ? A CGU 24 OE11 ? ? ? 1_555 C CA  .  CA ? ? A CGU 24 A CA  72  1_555 ? ? ? ? ? ? ? 2.329 ? ? 
metalc12 metalc ?    ? A CGU 24 OE12 ? ? ? 1_555 C CA  .  CA ? ? A CGU 24 A CA  72  1_555 ? ? ? ? ? ? ? 2.718 ? ? 
metalc13 metalc ?    ? A CGU 24 OE21 ? ? ? 1_555 D CA  .  CA ? ? A CGU 24 A CA  73  1_555 ? ? ? ? ? ? ? 2.976 ? ? 
metalc14 metalc ?    ? A CGU 24 OE22 ? ? ? 1_555 D CA  .  CA ? ? A CGU 24 A CA  73  1_555 ? ? ? ? ? ? ? 2.518 ? ? 
metalc15 metalc ?    ? A CGU 24 OE21 ? ? ? 4_557 D CA  .  CA ? ? A CGU 24 A CA  73  1_555 ? ? ? ? ? ? ? 2.947 ? ? 
metalc16 metalc ?    ? A CGU 24 OE22 ? ? ? 4_557 D CA  .  CA ? ? A CGU 24 A CA  73  1_555 ? ? ? ? ? ? ? 2.531 ? ? 
metalc17 metalc ?    ? A ASP 30 OD1  ? ? ? 1_555 C CA  .  CA ? ? A ASP 30 A CA  72  1_555 ? ? ? ? ? ? ? 2.495 ? ? 
metalc18 metalc ?    ? B CA  .  CA   ? ? ? 1_555 E HOH .  O  ? ? A CA  71 A HOH 87  1_555 ? ? ? ? ? ? ? 2.573 ? ? 
metalc19 metalc ?    ? C CA  .  CA   ? ? ? 1_555 E HOH .  O  ? ? A CA  72 A HOH 88  1_555 ? ? ? ? ? ? ? 2.082 ? ? 
metalc20 metalc ?    ? C CA  .  CA   ? ? ? 1_555 E HOH .  O  ? ? A CA  72 A HOH 97  1_555 ? ? ? ? ? ? ? 2.646 ? ? 
metalc21 metalc ?    ? C CA  .  CA   ? ? ? 1_555 E HOH .  O  ? ? A CA  72 A HOH 118 1_555 ? ? ? ? ? ? ? 2.391 ? ? 
metalc22 metalc ?    ? D CA  .  CA   ? ? ? 1_555 E HOH .  O  ? ? A CA  73 A HOH 93  1_555 ? ? ? ? ? ? ? 2.370 ? ? 
metalc23 metalc ?    ? D CA  .  CA   ? ? ? 1_555 E HOH .  O  ? ? A CA  73 A HOH 93  4_557 ? ? ? ? ? ? ? 2.335 ? ? 
# 
loop_
_struct_conn_type.id 
_struct_conn_type.criteria 
_struct_conn_type.reference 
disulf ? ? 
covale ? ? 
metalc ? ? 
# 
loop_
_pdbx_struct_conn_angle.id 
_pdbx_struct_conn_angle.ptnr1_label_atom_id 
_pdbx_struct_conn_angle.ptnr1_label_alt_id 
_pdbx_struct_conn_angle.ptnr1_label_asym_id 
_pdbx_struct_conn_angle.ptnr1_label_comp_id 
_pdbx_struct_conn_angle.ptnr1_label_seq_id 
_pdbx_struct_conn_angle.ptnr1_auth_atom_id 
_pdbx_struct_conn_angle.ptnr1_auth_asym_id 
_pdbx_struct_conn_angle.ptnr1_auth_comp_id 
_pdbx_struct_conn_angle.ptnr1_auth_seq_id 
_pdbx_struct_conn_angle.ptnr1_PDB_ins_code 
_pdbx_struct_conn_angle.ptnr1_symmetry 
_pdbx_struct_conn_angle.ptnr2_label_atom_id 
_pdbx_struct_conn_angle.ptnr2_label_alt_id 
_pdbx_struct_conn_angle.ptnr2_label_asym_id 
_pdbx_struct_conn_angle.ptnr2_label_comp_id 
_pdbx_struct_conn_angle.ptnr2_label_seq_id 
_pdbx_struct_conn_angle.ptnr2_auth_atom_id 
_pdbx_struct_conn_angle.ptnr2_auth_asym_id 
_pdbx_struct_conn_angle.ptnr2_auth_comp_id 
_pdbx_struct_conn_angle.ptnr2_auth_seq_id 
_pdbx_struct_conn_angle.ptnr2_PDB_ins_code 
_pdbx_struct_conn_angle.ptnr2_symmetry 
_pdbx_struct_conn_angle.ptnr3_label_atom_id 
_pdbx_struct_conn_angle.ptnr3_label_alt_id 
_pdbx_struct_conn_angle.ptnr3_label_asym_id 
_pdbx_struct_conn_angle.ptnr3_label_comp_id 
_pdbx_struct_conn_angle.ptnr3_label_seq_id 
_pdbx_struct_conn_angle.ptnr3_auth_atom_id 
_pdbx_struct_conn_angle.ptnr3_auth_asym_id 
_pdbx_struct_conn_angle.ptnr3_auth_comp_id 
_pdbx_struct_conn_angle.ptnr3_auth_seq_id 
_pdbx_struct_conn_angle.ptnr3_PDB_ins_code 
_pdbx_struct_conn_angle.ptnr3_symmetry 
_pdbx_struct_conn_angle.value 
_pdbx_struct_conn_angle.value_esd 
1  OE22 ? A CGU 17 ? A CGU 17 ? 4_557 CA ? B CA . ? A CA 71 ? 1_555 OE12 ? A CGU 17 ? A CGU 17  ? 4_557 67.0  ? 
2  OE22 ? A CGU 17 ? A CGU 17 ? 4_557 CA ? B CA . ? A CA 71 ? 1_555 OE11 ? A CGU 21 ? A CGU 21  ? 4_557 139.6 ? 
3  OE12 ? A CGU 17 ? A CGU 17 ? 4_557 CA ? B CA . ? A CA 71 ? 1_555 OE11 ? A CGU 21 ? A CGU 21  ? 4_557 74.3  ? 
4  OE22 ? A CGU 17 ? A CGU 17 ? 4_557 CA ? B CA . ? A CA 71 ? 1_555 OE22 ? A CGU 21 ? A CGU 21  ? 4_557 95.0  ? 
5  OE12 ? A CGU 17 ? A CGU 17 ? 4_557 CA ? B CA . ? A CA 71 ? 1_555 OE22 ? A CGU 21 ? A CGU 21  ? 4_557 88.6  ? 
6  OE11 ? A CGU 21 ? A CGU 21 ? 4_557 CA ? B CA . ? A CA 71 ? 1_555 OE22 ? A CGU 21 ? A CGU 21  ? 4_557 72.3  ? 
7  OE22 ? A CGU 17 ? A CGU 17 ? 4_557 CA ? B CA . ? A CA 71 ? 1_555 OE11 ? A CGU 24 ? A CGU 24  ? 1_555 74.1  ? 
8  OE12 ? A CGU 17 ? A CGU 17 ? 4_557 CA ? B CA . ? A CA 71 ? 1_555 OE11 ? A CGU 24 ? A CGU 24  ? 1_555 123.4 ? 
9  OE11 ? A CGU 21 ? A CGU 21 ? 4_557 CA ? B CA . ? A CA 71 ? 1_555 OE11 ? A CGU 24 ? A CGU 24  ? 1_555 141.1 ? 
10 OE22 ? A CGU 21 ? A CGU 21 ? 4_557 CA ? B CA . ? A CA 71 ? 1_555 OE11 ? A CGU 24 ? A CGU 24  ? 1_555 135.1 ? 
11 OE22 ? A CGU 17 ? A CGU 17 ? 4_557 CA ? B CA . ? A CA 71 ? 1_555 OE22 ? A CGU 24 ? A CGU 24  ? 1_555 113.3 ? 
12 OE12 ? A CGU 17 ? A CGU 17 ? 4_557 CA ? B CA . ? A CA 71 ? 1_555 OE22 ? A CGU 24 ? A CGU 24  ? 1_555 88.6  ? 
13 OE11 ? A CGU 21 ? A CGU 21 ? 4_557 CA ? B CA . ? A CA 71 ? 1_555 OE22 ? A CGU 24 ? A CGU 24  ? 1_555 75.9  ? 
14 OE22 ? A CGU 21 ? A CGU 21 ? 4_557 CA ? B CA . ? A CA 71 ? 1_555 OE22 ? A CGU 24 ? A CGU 24  ? 1_555 147.6 ? 
15 OE11 ? A CGU 24 ? A CGU 24 ? 1_555 CA ? B CA . ? A CA 71 ? 1_555 OE22 ? A CGU 24 ? A CGU 24  ? 1_555 70.9  ? 
16 OE22 ? A CGU 17 ? A CGU 17 ? 4_557 CA ? B CA . ? A CA 71 ? 1_555 O    ? E HOH .  ? A HOH 87  ? 1_555 130.7 ? 
17 OE12 ? A CGU 17 ? A CGU 17 ? 4_557 CA ? B CA . ? A CA 71 ? 1_555 O    ? E HOH .  ? A HOH 87  ? 1_555 152.5 ? 
18 OE11 ? A CGU 21 ? A CGU 21 ? 4_557 CA ? B CA . ? A CA 71 ? 1_555 O    ? E HOH .  ? A HOH 87  ? 1_555 82.1  ? 
19 OE22 ? A CGU 21 ? A CGU 21 ? 4_557 CA ? B CA . ? A CA 71 ? 1_555 O    ? E HOH .  ? A HOH 87  ? 1_555 70.5  ? 
20 OE11 ? A CGU 24 ? A CGU 24 ? 1_555 CA ? B CA . ? A CA 71 ? 1_555 O    ? E HOH .  ? A HOH 87  ? 1_555 84.0  ? 
21 OE22 ? A CGU 24 ? A CGU 24 ? 1_555 CA ? B CA . ? A CA 71 ? 1_555 O    ? E HOH .  ? A HOH 87  ? 1_555 99.5  ? 
22 OE22 ? A CGU 17 ? A CGU 17 ? 4_557 CA ? C CA . ? A CA 72 ? 1_555 OE21 ? A CGU 17 ? A CGU 17  ? 4_557 43.3  ? 
23 OE22 ? A CGU 17 ? A CGU 17 ? 4_557 CA ? C CA . ? A CA 72 ? 1_555 OE11 ? A CGU 24 ? A CGU 24  ? 1_555 76.2  ? 
24 OE21 ? A CGU 17 ? A CGU 17 ? 4_557 CA ? C CA . ? A CA 72 ? 1_555 OE11 ? A CGU 24 ? A CGU 24  ? 1_555 119.5 ? 
25 OE22 ? A CGU 17 ? A CGU 17 ? 4_557 CA ? C CA . ? A CA 72 ? 1_555 OE12 ? A CGU 24 ? A CGU 24  ? 1_555 107.4 ? 
26 OE21 ? A CGU 17 ? A CGU 17 ? 4_557 CA ? C CA . ? A CA 72 ? 1_555 OE12 ? A CGU 24 ? A CGU 24  ? 1_555 135.7 ? 
27 OE11 ? A CGU 24 ? A CGU 24 ? 1_555 CA ? C CA . ? A CA 72 ? 1_555 OE12 ? A CGU 24 ? A CGU 24  ? 1_555 50.9  ? 
28 OE22 ? A CGU 17 ? A CGU 17 ? 4_557 CA ? C CA . ? A CA 72 ? 1_555 OD1  ? A ASP 30 ? A ASP 30  ? 1_555 158.1 ? 
29 OE21 ? A CGU 17 ? A CGU 17 ? 4_557 CA ? C CA . ? A CA 72 ? 1_555 OD1  ? A ASP 30 ? A ASP 30  ? 1_555 141.2 ? 
30 OE11 ? A CGU 24 ? A CGU 24 ? 1_555 CA ? C CA . ? A CA 72 ? 1_555 OD1  ? A ASP 30 ? A ASP 30  ? 1_555 94.2  ? 
31 OE12 ? A CGU 24 ? A CGU 24 ? 1_555 CA ? C CA . ? A CA 72 ? 1_555 OD1  ? A ASP 30 ? A ASP 30  ? 1_555 79.8  ? 
32 OE22 ? A CGU 17 ? A CGU 17 ? 4_557 CA ? C CA . ? A CA 72 ? 1_555 O    ? E HOH .  ? A HOH 88  ? 1_555 85.1  ? 
33 OE21 ? A CGU 17 ? A CGU 17 ? 4_557 CA ? C CA . ? A CA 72 ? 1_555 O    ? E HOH .  ? A HOH 88  ? 1_555 94.0  ? 
34 OE11 ? A CGU 24 ? A CGU 24 ? 1_555 CA ? C CA . ? A CA 72 ? 1_555 O    ? E HOH .  ? A HOH 88  ? 1_555 77.8  ? 
35 OE12 ? A CGU 24 ? A CGU 24 ? 1_555 CA ? C CA . ? A CA 72 ? 1_555 O    ? E HOH .  ? A HOH 88  ? 1_555 119.5 ? 
36 OD1  ? A ASP 30 ? A ASP 30 ? 1_555 CA ? C CA . ? A CA 72 ? 1_555 O    ? E HOH .  ? A HOH 88  ? 1_555 73.6  ? 
37 OE22 ? A CGU 17 ? A CGU 17 ? 4_557 CA ? C CA . ? A CA 72 ? 1_555 O    ? E HOH .  ? A HOH 97  ? 1_555 90.4  ? 
38 OE21 ? A CGU 17 ? A CGU 17 ? 4_557 CA ? C CA . ? A CA 72 ? 1_555 O    ? E HOH .  ? A HOH 97  ? 1_555 49.1  ? 
39 OE11 ? A CGU 24 ? A CGU 24 ? 1_555 CA ? C CA . ? A CA 72 ? 1_555 O    ? E HOH .  ? A HOH 97  ? 1_555 159.1 ? 
40 OE12 ? A CGU 24 ? A CGU 24 ? 1_555 CA ? C CA . ? A CA 72 ? 1_555 O    ? E HOH .  ? A HOH 97  ? 1_555 150.0 ? 
41 OD1  ? A ASP 30 ? A ASP 30 ? 1_555 CA ? C CA . ? A CA 72 ? 1_555 O    ? E HOH .  ? A HOH 97  ? 1_555 92.6  ? 
42 O    ? E HOH .  ? A HOH 88 ? 1_555 CA ? C CA . ? A CA 72 ? 1_555 O    ? E HOH .  ? A HOH 97  ? 1_555 85.2  ? 
43 OE22 ? A CGU 17 ? A CGU 17 ? 4_557 CA ? C CA . ? A CA 72 ? 1_555 O    ? E HOH .  ? A HOH 118 ? 1_555 136.8 ? 
44 OE21 ? A CGU 17 ? A CGU 17 ? 4_557 CA ? C CA . ? A CA 72 ? 1_555 O    ? E HOH .  ? A HOH 118 ? 1_555 103.3 ? 
45 OE11 ? A CGU 24 ? A CGU 24 ? 1_555 CA ? C CA . ? A CA 72 ? 1_555 O    ? E HOH .  ? A HOH 118 ? 1_555 127.0 ? 
46 OE12 ? A CGU 24 ? A CGU 24 ? 1_555 CA ? C CA . ? A CA 72 ? 1_555 O    ? E HOH .  ? A HOH 118 ? 1_555 76.9  ? 
47 OD1  ? A ASP 30 ? A ASP 30 ? 1_555 CA ? C CA . ? A CA 72 ? 1_555 O    ? E HOH .  ? A HOH 118 ? 1_555 64.5  ? 
48 O    ? E HOH .  ? A HOH 88 ? 1_555 CA ? C CA . ? A CA 72 ? 1_555 O    ? E HOH .  ? A HOH 118 ? 1_555 131.4 ? 
49 O    ? E HOH .  ? A HOH 97 ? 1_555 CA ? C CA . ? A CA 72 ? 1_555 O    ? E HOH .  ? A HOH 118 ? 1_555 73.6  ? 
50 OE11 ? A CGU 21 ? A CGU 21 ? 1_555 CA ? D CA . ? A CA 73 ? 1_555 OE11 ? A CGU 21 ? A CGU 21  ? 4_557 148.8 ? 
51 OE11 ? A CGU 21 ? A CGU 21 ? 1_555 CA ? D CA . ? A CA 73 ? 1_555 OE21 ? A CGU 24 ? A CGU 24  ? 1_555 74.8  ? 
52 OE11 ? A CGU 21 ? A CGU 21 ? 4_557 CA ? D CA . ? A CA 73 ? 1_555 OE21 ? A CGU 24 ? A CGU 24  ? 1_555 98.8  ? 
53 OE11 ? A CGU 21 ? A CGU 21 ? 1_555 CA ? D CA . ? A CA 73 ? 1_555 OE22 ? A CGU 24 ? A CGU 24  ? 1_555 119.3 ? 
54 OE11 ? A CGU 21 ? A CGU 21 ? 4_557 CA ? D CA . ? A CA 73 ? 1_555 OE22 ? A CGU 24 ? A CGU 24  ? 1_555 66.1  ? 
55 OE21 ? A CGU 24 ? A CGU 24 ? 1_555 CA ? D CA . ? A CA 73 ? 1_555 OE22 ? A CGU 24 ? A CGU 24  ? 1_555 45.5  ? 
56 OE11 ? A CGU 21 ? A CGU 21 ? 1_555 CA ? D CA . ? A CA 73 ? 1_555 OE21 ? A CGU 24 ? A CGU 24  ? 4_557 98.2  ? 
57 OE11 ? A CGU 21 ? A CGU 21 ? 4_557 CA ? D CA . ? A CA 73 ? 1_555 OE21 ? A CGU 24 ? A CGU 24  ? 4_557 76.1  ? 
58 OE21 ? A CGU 24 ? A CGU 24 ? 1_555 CA ? D CA . ? A CA 73 ? 1_555 OE21 ? A CGU 24 ? A CGU 24  ? 4_557 157.7 ? 
59 OE22 ? A CGU 24 ? A CGU 24 ? 1_555 CA ? D CA . ? A CA 73 ? 1_555 OE21 ? A CGU 24 ? A CGU 24  ? 4_557 140.9 ? 
60 OE11 ? A CGU 21 ? A CGU 21 ? 1_555 CA ? D CA . ? A CA 73 ? 1_555 OE22 ? A CGU 24 ? A CGU 24  ? 4_557 65.1  ? 
61 OE11 ? A CGU 21 ? A CGU 21 ? 4_557 CA ? D CA . ? A CA 73 ? 1_555 OE22 ? A CGU 24 ? A CGU 24  ? 4_557 121.0 ? 
62 OE21 ? A CGU 24 ? A CGU 24 ? 1_555 CA ? D CA . ? A CA 73 ? 1_555 OE22 ? A CGU 24 ? A CGU 24  ? 4_557 138.5 ? 
63 OE22 ? A CGU 24 ? A CGU 24 ? 1_555 CA ? D CA . ? A CA 73 ? 1_555 OE22 ? A CGU 24 ? A CGU 24  ? 4_557 161.0 ? 
64 OE21 ? A CGU 24 ? A CGU 24 ? 4_557 CA ? D CA . ? A CA 73 ? 1_555 OE22 ? A CGU 24 ? A CGU 24  ? 4_557 45.8  ? 
65 OE11 ? A CGU 21 ? A CGU 21 ? 1_555 CA ? D CA . ? A CA 73 ? 1_555 O    ? E HOH .  ? A HOH 93  ? 1_555 75.4  ? 
66 OE11 ? A CGU 21 ? A CGU 21 ? 4_557 CA ? D CA . ? A CA 73 ? 1_555 O    ? E HOH .  ? A HOH 93  ? 1_555 129.9 ? 
67 OE21 ? A CGU 24 ? A CGU 24 ? 1_555 CA ? D CA . ? A CA 73 ? 1_555 O    ? E HOH .  ? A HOH 93  ? 1_555 63.8  ? 
68 OE22 ? A CGU 24 ? A CGU 24 ? 1_555 CA ? D CA . ? A CA 73 ? 1_555 O    ? E HOH .  ? A HOH 93  ? 1_555 69.9  ? 
69 OE21 ? A CGU 24 ? A CGU 24 ? 4_557 CA ? D CA . ? A CA 73 ? 1_555 O    ? E HOH .  ? A HOH 93  ? 1_555 135.8 ? 
70 OE22 ? A CGU 24 ? A CGU 24 ? 4_557 CA ? D CA . ? A CA 73 ? 1_555 O    ? E HOH .  ? A HOH 93  ? 1_555 95.1  ? 
71 OE11 ? A CGU 21 ? A CGU 21 ? 1_555 CA ? D CA . ? A CA 73 ? 1_555 O    ? E HOH .  ? A HOH 93  ? 4_557 128.8 ? 
72 OE11 ? A CGU 21 ? A CGU 21 ? 4_557 CA ? D CA . ? A CA 73 ? 1_555 O    ? E HOH .  ? A HOH 93  ? 4_557 77.0  ? 
73 OE21 ? A CGU 24 ? A CGU 24 ? 1_555 CA ? D CA . ? A CA 73 ? 1_555 O    ? E HOH .  ? A HOH 93  ? 4_557 136.1 ? 
74 OE22 ? A CGU 24 ? A CGU 24 ? 1_555 CA ? D CA . ? A CA 73 ? 1_555 O    ? E HOH .  ? A HOH 93  ? 4_557 96.3  ? 
75 OE21 ? A CGU 24 ? A CGU 24 ? 4_557 CA ? D CA . ? A CA 73 ? 1_555 O    ? E HOH .  ? A HOH 93  ? 4_557 64.6  ? 
76 OE22 ? A CGU 24 ? A CGU 24 ? 4_557 CA ? D CA . ? A CA 73 ? 1_555 O    ? E HOH .  ? A HOH 93  ? 4_557 70.2  ? 
77 O    ? E HOH .  ? A HOH 93 ? 1_555 CA ? D CA . ? A CA 73 ? 1_555 O    ? E HOH .  ? A HOH 93  ? 4_557 85.4  ? 
# 
loop_
_pdbx_modification_feature.ordinal 
_pdbx_modification_feature.label_comp_id 
_pdbx_modification_feature.label_asym_id 
_pdbx_modification_feature.label_seq_id 
_pdbx_modification_feature.label_alt_id 
_pdbx_modification_feature.modified_residue_label_comp_id 
_pdbx_modification_feature.modified_residue_label_asym_id 
_pdbx_modification_feature.modified_residue_label_seq_id 
_pdbx_modification_feature.modified_residue_label_alt_id 
_pdbx_modification_feature.auth_comp_id 
_pdbx_modification_feature.auth_asym_id 
_pdbx_modification_feature.auth_seq_id 
_pdbx_modification_feature.PDB_ins_code 
_pdbx_modification_feature.symmetry 
_pdbx_modification_feature.modified_residue_auth_comp_id 
_pdbx_modification_feature.modified_residue_auth_asym_id 
_pdbx_modification_feature.modified_residue_auth_seq_id 
_pdbx_modification_feature.modified_residue_PDB_ins_code 
_pdbx_modification_feature.modified_residue_symmetry 
_pdbx_modification_feature.comp_id_linking_atom 
_pdbx_modification_feature.modified_residue_id_linking_atom 
_pdbx_modification_feature.modified_residue_id 
_pdbx_modification_feature.ref_pcm_id 
_pdbx_modification_feature.ref_comp_id 
_pdbx_modification_feature.type 
_pdbx_modification_feature.category 
1 CGU A 17 ? .   . .  . CGU A 17 ? 1_555 .   . .  . .     .  .  GLU 1 CGU Carboxylation 'Named protein modification' 
2 CGU A 21 ? .   . .  . CGU A 21 ? 1_555 .   . .  . .     .  .  GLU 1 CGU Carboxylation 'Named protein modification' 
3 CGU A 24 ? .   . .  . CGU A 24 ? 1_555 .   . .  . .     .  .  GLU 1 CGU Carboxylation 'Named protein modification' 
4 CYS A 23 ? CYS A 29 ? CYS A 23 ? 1_555 CYS A 29 ? 1_555 SG SG .   . .   None          'Disulfide bridge'           
# 
loop_
_struct_site.id 
_struct_site.pdbx_evidence_code 
_struct_site.pdbx_auth_asym_id 
_struct_site.pdbx_auth_comp_id 
_struct_site.pdbx_auth_seq_id 
_struct_site.pdbx_auth_ins_code 
_struct_site.pdbx_num_residues 
_struct_site.details 
AC1 Software A CA 71 ? 4 'BINDING SITE FOR RESIDUE CA A 71' 
AC2 Software A CA 72 ? 6 'BINDING SITE FOR RESIDUE CA A 72' 
AC3 Software A CA 73 ? 6 'BINDING SITE FOR RESIDUE CA A 73' 
# 
loop_
_struct_site_gen.id 
_struct_site_gen.site_id 
_struct_site_gen.pdbx_num_res 
_struct_site_gen.label_comp_id 
_struct_site_gen.label_asym_id 
_struct_site_gen.label_seq_id 
_struct_site_gen.pdbx_auth_ins_code 
_struct_site_gen.auth_comp_id 
_struct_site_gen.auth_asym_id 
_struct_site_gen.auth_seq_id 
_struct_site_gen.label_atom_id 
_struct_site_gen.label_alt_id 
_struct_site_gen.symmetry 
_struct_site_gen.details 
1  AC1 4 CGU A 17 ? CGU A 17  . ? 4_557 ? 
2  AC1 4 CGU A 21 ? CGU A 21  . ? 4_557 ? 
3  AC1 4 CGU A 24 ? CGU A 24  . ? 1_555 ? 
4  AC1 4 HOH E .  ? HOH A 87  . ? 1_555 ? 
5  AC2 6 CGU A 17 ? CGU A 17  . ? 4_557 ? 
6  AC2 6 CGU A 24 ? CGU A 24  . ? 1_555 ? 
7  AC2 6 ASP A 30 ? ASP A 30  . ? 1_555 ? 
8  AC2 6 HOH E .  ? HOH A 88  . ? 1_555 ? 
9  AC2 6 HOH E .  ? HOH A 97  . ? 1_555 ? 
10 AC2 6 HOH E .  ? HOH A 118 . ? 1_555 ? 
11 AC3 6 CGU A 21 ? CGU A 21  . ? 1_555 ? 
12 AC3 6 CGU A 21 ? CGU A 21  . ? 4_557 ? 
13 AC3 6 CGU A 24 ? CGU A 24  . ? 1_555 ? 
14 AC3 6 CGU A 24 ? CGU A 24  . ? 4_557 ? 
15 AC3 6 HOH E .  ? HOH A 93  . ? 4_557 ? 
16 AC3 6 HOH E .  ? HOH A 93  . ? 1_555 ? 
# 
_pdbx_entry_details.entry_id                   1Q8H 
_pdbx_entry_details.compound_details           ? 
_pdbx_entry_details.source_details             ? 
_pdbx_entry_details.nonpolymer_details         ? 
_pdbx_entry_details.sequence_details           ? 
_pdbx_entry_details.has_ligand_of_interest     ? 
_pdbx_entry_details.has_protein_modification   Y 
# 
_pdbx_validate_symm_contact.id                1 
_pdbx_validate_symm_contact.PDB_model_num     1 
_pdbx_validate_symm_contact.auth_atom_id_1    O 
_pdbx_validate_symm_contact.auth_asym_id_1    A 
_pdbx_validate_symm_contact.auth_comp_id_1    HOH 
_pdbx_validate_symm_contact.auth_seq_id_1     117 
_pdbx_validate_symm_contact.PDB_ins_code_1    ? 
_pdbx_validate_symm_contact.label_alt_id_1    ? 
_pdbx_validate_symm_contact.site_symmetry_1   1_555 
_pdbx_validate_symm_contact.auth_atom_id_2    O 
_pdbx_validate_symm_contact.auth_asym_id_2    A 
_pdbx_validate_symm_contact.auth_comp_id_2    HOH 
_pdbx_validate_symm_contact.auth_seq_id_2     117 
_pdbx_validate_symm_contact.PDB_ins_code_2    ? 
_pdbx_validate_symm_contact.label_alt_id_2    ? 
_pdbx_validate_symm_contact.site_symmetry_2   4_556 
_pdbx_validate_symm_contact.dist              1.80 
# 
loop_
_pdbx_struct_mod_residue.id 
_pdbx_struct_mod_residue.label_asym_id 
_pdbx_struct_mod_residue.label_comp_id 
_pdbx_struct_mod_residue.label_seq_id 
_pdbx_struct_mod_residue.auth_asym_id 
_pdbx_struct_mod_residue.auth_comp_id 
_pdbx_struct_mod_residue.auth_seq_id 
_pdbx_struct_mod_residue.PDB_ins_code 
_pdbx_struct_mod_residue.parent_comp_id 
_pdbx_struct_mod_residue.details 
1 A CGU 17 A CGU 17 ? GLU 'modified residue' 
2 A CGU 21 A CGU 21 ? GLU 'modified residue' 
3 A CGU 24 A CGU 24 ? GLU 'modified residue' 
# 
_pdbx_struct_special_symmetry.id              1 
_pdbx_struct_special_symmetry.PDB_model_num   1 
_pdbx_struct_special_symmetry.auth_asym_id    A 
_pdbx_struct_special_symmetry.auth_comp_id    CA 
_pdbx_struct_special_symmetry.auth_seq_id     73 
_pdbx_struct_special_symmetry.PDB_ins_code    ? 
_pdbx_struct_special_symmetry.label_asym_id   D 
_pdbx_struct_special_symmetry.label_comp_id   CA 
_pdbx_struct_special_symmetry.label_seq_id    . 
# 
loop_
_pdbx_unobs_or_zero_occ_residues.id 
_pdbx_unobs_or_zero_occ_residues.PDB_model_num 
_pdbx_unobs_or_zero_occ_residues.polymer_flag 
_pdbx_unobs_or_zero_occ_residues.occupancy_flag 
_pdbx_unobs_or_zero_occ_residues.auth_asym_id 
_pdbx_unobs_or_zero_occ_residues.auth_comp_id 
_pdbx_unobs_or_zero_occ_residues.auth_seq_id 
_pdbx_unobs_or_zero_occ_residues.PDB_ins_code 
_pdbx_unobs_or_zero_occ_residues.label_asym_id 
_pdbx_unobs_or_zero_occ_residues.label_comp_id 
_pdbx_unobs_or_zero_occ_residues.label_seq_id 
1  1 Y 1 A TYR 1  ? A TYR 1  
2  1 Y 1 A LEU 2  ? A LEU 2  
3  1 Y 1 A ASP 3  ? A ASP 3  
4  1 Y 1 A HIS 4  ? A HIS 4  
5  1 Y 1 A GLY 5  ? A GLY 5  
6  1 Y 1 A LEU 6  ? A LEU 6  
7  1 Y 1 A GLY 7  ? A GLY 7  
8  1 Y 1 A ALA 8  ? A ALA 8  
9  1 Y 1 A PRO 9  ? A PRO 9  
10 1 Y 1 A ALA 10 ? A ALA 10 
11 1 Y 1 A PRO 11 ? A PRO 11 
12 1 Y 1 A TYR 12 ? A TYR 12 
# 
loop_
_chem_comp_atom.comp_id 
_chem_comp_atom.atom_id 
_chem_comp_atom.type_symbol 
_chem_comp_atom.pdbx_aromatic_flag 
_chem_comp_atom.pdbx_stereo_config 
_chem_comp_atom.pdbx_ordinal 
ALA N    N  N N 1   
ALA CA   C  N S 2   
ALA C    C  N N 3   
ALA O    O  N N 4   
ALA CB   C  N N 5   
ALA OXT  O  N N 6   
ALA H    H  N N 7   
ALA H2   H  N N 8   
ALA HA   H  N N 9   
ALA HB1  H  N N 10  
ALA HB2  H  N N 11  
ALA HB3  H  N N 12  
ALA HXT  H  N N 13  
ARG N    N  N N 14  
ARG CA   C  N S 15  
ARG C    C  N N 16  
ARG O    O  N N 17  
ARG CB   C  N N 18  
ARG CG   C  N N 19  
ARG CD   C  N N 20  
ARG NE   N  N N 21  
ARG CZ   C  N N 22  
ARG NH1  N  N N 23  
ARG NH2  N  N N 24  
ARG OXT  O  N N 25  
ARG H    H  N N 26  
ARG H2   H  N N 27  
ARG HA   H  N N 28  
ARG HB2  H  N N 29  
ARG HB3  H  N N 30  
ARG HG2  H  N N 31  
ARG HG3  H  N N 32  
ARG HD2  H  N N 33  
ARG HD3  H  N N 34  
ARG HE   H  N N 35  
ARG HH11 H  N N 36  
ARG HH12 H  N N 37  
ARG HH21 H  N N 38  
ARG HH22 H  N N 39  
ARG HXT  H  N N 40  
ASN N    N  N N 41  
ASN CA   C  N S 42  
ASN C    C  N N 43  
ASN O    O  N N 44  
ASN CB   C  N N 45  
ASN CG   C  N N 46  
ASN OD1  O  N N 47  
ASN ND2  N  N N 48  
ASN OXT  O  N N 49  
ASN H    H  N N 50  
ASN H2   H  N N 51  
ASN HA   H  N N 52  
ASN HB2  H  N N 53  
ASN HB3  H  N N 54  
ASN HD21 H  N N 55  
ASN HD22 H  N N 56  
ASN HXT  H  N N 57  
ASP N    N  N N 58  
ASP CA   C  N S 59  
ASP C    C  N N 60  
ASP O    O  N N 61  
ASP CB   C  N N 62  
ASP CG   C  N N 63  
ASP OD1  O  N N 64  
ASP OD2  O  N N 65  
ASP OXT  O  N N 66  
ASP H    H  N N 67  
ASP H2   H  N N 68  
ASP HA   H  N N 69  
ASP HB2  H  N N 70  
ASP HB3  H  N N 71  
ASP HD2  H  N N 72  
ASP HXT  H  N N 73  
CA  CA   CA N N 74  
CGU N    N  N N 75  
CGU CA   C  N S 76  
CGU C    C  N N 77  
CGU O    O  N N 78  
CGU OXT  O  N N 79  
CGU CB   C  N N 80  
CGU CG   C  N N 81  
CGU CD1  C  N N 82  
CGU CD2  C  N N 83  
CGU OE11 O  N N 84  
CGU OE12 O  N N 85  
CGU OE21 O  N N 86  
CGU OE22 O  N N 87  
CGU H    H  N N 88  
CGU H2   H  N N 89  
CGU HA   H  N N 90  
CGU HXT  H  N N 91  
CGU HB2  H  N N 92  
CGU HB3  H  N N 93  
CGU HG   H  N N 94  
CGU HE12 H  N N 95  
CGU HE22 H  N N 96  
CYS N    N  N N 97  
CYS CA   C  N R 98  
CYS C    C  N N 99  
CYS O    O  N N 100 
CYS CB   C  N N 101 
CYS SG   S  N N 102 
CYS OXT  O  N N 103 
CYS H    H  N N 104 
CYS H2   H  N N 105 
CYS HA   H  N N 106 
CYS HB2  H  N N 107 
CYS HB3  H  N N 108 
CYS HG   H  N N 109 
CYS HXT  H  N N 110 
GLN N    N  N N 111 
GLN CA   C  N S 112 
GLN C    C  N N 113 
GLN O    O  N N 114 
GLN CB   C  N N 115 
GLN CG   C  N N 116 
GLN CD   C  N N 117 
GLN OE1  O  N N 118 
GLN NE2  N  N N 119 
GLN OXT  O  N N 120 
GLN H    H  N N 121 
GLN H2   H  N N 122 
GLN HA   H  N N 123 
GLN HB2  H  N N 124 
GLN HB3  H  N N 125 
GLN HG2  H  N N 126 
GLN HG3  H  N N 127 
GLN HE21 H  N N 128 
GLN HE22 H  N N 129 
GLN HXT  H  N N 130 
GLU N    N  N N 131 
GLU CA   C  N S 132 
GLU C    C  N N 133 
GLU O    O  N N 134 
GLU CB   C  N N 135 
GLU CG   C  N N 136 
GLU CD   C  N N 137 
GLU OE1  O  N N 138 
GLU OE2  O  N N 139 
GLU OXT  O  N N 140 
GLU H    H  N N 141 
GLU H2   H  N N 142 
GLU HA   H  N N 143 
GLU HB2  H  N N 144 
GLU HB3  H  N N 145 
GLU HG2  H  N N 146 
GLU HG3  H  N N 147 
GLU HE2  H  N N 148 
GLU HXT  H  N N 149 
GLY N    N  N N 150 
GLY CA   C  N N 151 
GLY C    C  N N 152 
GLY O    O  N N 153 
GLY OXT  O  N N 154 
GLY H    H  N N 155 
GLY H2   H  N N 156 
GLY HA2  H  N N 157 
GLY HA3  H  N N 158 
GLY HXT  H  N N 159 
HIS N    N  N N 160 
HIS CA   C  N S 161 
HIS C    C  N N 162 
HIS O    O  N N 163 
HIS CB   C  N N 164 
HIS CG   C  Y N 165 
HIS ND1  N  Y N 166 
HIS CD2  C  Y N 167 
HIS CE1  C  Y N 168 
HIS NE2  N  Y N 169 
HIS OXT  O  N N 170 
HIS H    H  N N 171 
HIS H2   H  N N 172 
HIS HA   H  N N 173 
HIS HB2  H  N N 174 
HIS HB3  H  N N 175 
HIS HD1  H  N N 176 
HIS HD2  H  N N 177 
HIS HE1  H  N N 178 
HIS HE2  H  N N 179 
HIS HXT  H  N N 180 
HOH O    O  N N 181 
HOH H1   H  N N 182 
HOH H2   H  N N 183 
ILE N    N  N N 184 
ILE CA   C  N S 185 
ILE C    C  N N 186 
ILE O    O  N N 187 
ILE CB   C  N S 188 
ILE CG1  C  N N 189 
ILE CG2  C  N N 190 
ILE CD1  C  N N 191 
ILE OXT  O  N N 192 
ILE H    H  N N 193 
ILE H2   H  N N 194 
ILE HA   H  N N 195 
ILE HB   H  N N 196 
ILE HG12 H  N N 197 
ILE HG13 H  N N 198 
ILE HG21 H  N N 199 
ILE HG22 H  N N 200 
ILE HG23 H  N N 201 
ILE HD11 H  N N 202 
ILE HD12 H  N N 203 
ILE HD13 H  N N 204 
ILE HXT  H  N N 205 
LEU N    N  N N 206 
LEU CA   C  N S 207 
LEU C    C  N N 208 
LEU O    O  N N 209 
LEU CB   C  N N 210 
LEU CG   C  N N 211 
LEU CD1  C  N N 212 
LEU CD2  C  N N 213 
LEU OXT  O  N N 214 
LEU H    H  N N 215 
LEU H2   H  N N 216 
LEU HA   H  N N 217 
LEU HB2  H  N N 218 
LEU HB3  H  N N 219 
LEU HG   H  N N 220 
LEU HD11 H  N N 221 
LEU HD12 H  N N 222 
LEU HD13 H  N N 223 
LEU HD21 H  N N 224 
LEU HD22 H  N N 225 
LEU HD23 H  N N 226 
LEU HXT  H  N N 227 
PHE N    N  N N 228 
PHE CA   C  N S 229 
PHE C    C  N N 230 
PHE O    O  N N 231 
PHE CB   C  N N 232 
PHE CG   C  Y N 233 
PHE CD1  C  Y N 234 
PHE CD2  C  Y N 235 
PHE CE1  C  Y N 236 
PHE CE2  C  Y N 237 
PHE CZ   C  Y N 238 
PHE OXT  O  N N 239 
PHE H    H  N N 240 
PHE H2   H  N N 241 
PHE HA   H  N N 242 
PHE HB2  H  N N 243 
PHE HB3  H  N N 244 
PHE HD1  H  N N 245 
PHE HD2  H  N N 246 
PHE HE1  H  N N 247 
PHE HE2  H  N N 248 
PHE HZ   H  N N 249 
PHE HXT  H  N N 250 
PRO N    N  N N 251 
PRO CA   C  N S 252 
PRO C    C  N N 253 
PRO O    O  N N 254 
PRO CB   C  N N 255 
PRO CG   C  N N 256 
PRO CD   C  N N 257 
PRO OXT  O  N N 258 
PRO H    H  N N 259 
PRO HA   H  N N 260 
PRO HB2  H  N N 261 
PRO HB3  H  N N 262 
PRO HG2  H  N N 263 
PRO HG3  H  N N 264 
PRO HD2  H  N N 265 
PRO HD3  H  N N 266 
PRO HXT  H  N N 267 
TYR N    N  N N 268 
TYR CA   C  N S 269 
TYR C    C  N N 270 
TYR O    O  N N 271 
TYR CB   C  N N 272 
TYR CG   C  Y N 273 
TYR CD1  C  Y N 274 
TYR CD2  C  Y N 275 
TYR CE1  C  Y N 276 
TYR CE2  C  Y N 277 
TYR CZ   C  Y N 278 
TYR OH   O  N N 279 
TYR OXT  O  N N 280 
TYR H    H  N N 281 
TYR H2   H  N N 282 
TYR HA   H  N N 283 
TYR HB2  H  N N 284 
TYR HB3  H  N N 285 
TYR HD1  H  N N 286 
TYR HD2  H  N N 287 
TYR HE1  H  N N 288 
TYR HE2  H  N N 289 
TYR HH   H  N N 290 
TYR HXT  H  N N 291 
VAL N    N  N N 292 
VAL CA   C  N S 293 
VAL C    C  N N 294 
VAL O    O  N N 295 
VAL CB   C  N N 296 
VAL CG1  C  N N 297 
VAL CG2  C  N N 298 
VAL OXT  O  N N 299 
VAL H    H  N N 300 
VAL H2   H  N N 301 
VAL HA   H  N N 302 
VAL HB   H  N N 303 
VAL HG11 H  N N 304 
VAL HG12 H  N N 305 
VAL HG13 H  N N 306 
VAL HG21 H  N N 307 
VAL HG22 H  N N 308 
VAL HG23 H  N N 309 
VAL HXT  H  N N 310 
# 
loop_
_chem_comp_bond.comp_id 
_chem_comp_bond.atom_id_1 
_chem_comp_bond.atom_id_2 
_chem_comp_bond.value_order 
_chem_comp_bond.pdbx_aromatic_flag 
_chem_comp_bond.pdbx_stereo_config 
_chem_comp_bond.pdbx_ordinal 
ALA N    CA   sing N N 1   
ALA N    H    sing N N 2   
ALA N    H2   sing N N 3   
ALA CA   C    sing N N 4   
ALA CA   CB   sing N N 5   
ALA CA   HA   sing N N 6   
ALA C    O    doub N N 7   
ALA C    OXT  sing N N 8   
ALA CB   HB1  sing N N 9   
ALA CB   HB2  sing N N 10  
ALA CB   HB3  sing N N 11  
ALA OXT  HXT  sing N N 12  
ARG N    CA   sing N N 13  
ARG N    H    sing N N 14  
ARG N    H2   sing N N 15  
ARG CA   C    sing N N 16  
ARG CA   CB   sing N N 17  
ARG CA   HA   sing N N 18  
ARG C    O    doub N N 19  
ARG C    OXT  sing N N 20  
ARG CB   CG   sing N N 21  
ARG CB   HB2  sing N N 22  
ARG CB   HB3  sing N N 23  
ARG CG   CD   sing N N 24  
ARG CG   HG2  sing N N 25  
ARG CG   HG3  sing N N 26  
ARG CD   NE   sing N N 27  
ARG CD   HD2  sing N N 28  
ARG CD   HD3  sing N N 29  
ARG NE   CZ   sing N N 30  
ARG NE   HE   sing N N 31  
ARG CZ   NH1  sing N N 32  
ARG CZ   NH2  doub N N 33  
ARG NH1  HH11 sing N N 34  
ARG NH1  HH12 sing N N 35  
ARG NH2  HH21 sing N N 36  
ARG NH2  HH22 sing N N 37  
ARG OXT  HXT  sing N N 38  
ASN N    CA   sing N N 39  
ASN N    H    sing N N 40  
ASN N    H2   sing N N 41  
ASN CA   C    sing N N 42  
ASN CA   CB   sing N N 43  
ASN CA   HA   sing N N 44  
ASN C    O    doub N N 45  
ASN C    OXT  sing N N 46  
ASN CB   CG   sing N N 47  
ASN CB   HB2  sing N N 48  
ASN CB   HB3  sing N N 49  
ASN CG   OD1  doub N N 50  
ASN CG   ND2  sing N N 51  
ASN ND2  HD21 sing N N 52  
ASN ND2  HD22 sing N N 53  
ASN OXT  HXT  sing N N 54  
ASP N    CA   sing N N 55  
ASP N    H    sing N N 56  
ASP N    H2   sing N N 57  
ASP CA   C    sing N N 58  
ASP CA   CB   sing N N 59  
ASP CA   HA   sing N N 60  
ASP C    O    doub N N 61  
ASP C    OXT  sing N N 62  
ASP CB   CG   sing N N 63  
ASP CB   HB2  sing N N 64  
ASP CB   HB3  sing N N 65  
ASP CG   OD1  doub N N 66  
ASP CG   OD2  sing N N 67  
ASP OD2  HD2  sing N N 68  
ASP OXT  HXT  sing N N 69  
CGU N    CA   sing N N 70  
CGU N    H    sing N N 71  
CGU N    H2   sing N N 72  
CGU CA   C    sing N N 73  
CGU CA   CB   sing N N 74  
CGU CA   HA   sing N N 75  
CGU C    O    doub N N 76  
CGU C    OXT  sing N N 77  
CGU OXT  HXT  sing N N 78  
CGU CB   CG   sing N N 79  
CGU CB   HB2  sing N N 80  
CGU CB   HB3  sing N N 81  
CGU CG   CD1  sing N N 82  
CGU CG   CD2  sing N N 83  
CGU CG   HG   sing N N 84  
CGU CD1  OE11 doub N N 85  
CGU CD1  OE12 sing N N 86  
CGU CD2  OE21 doub N N 87  
CGU CD2  OE22 sing N N 88  
CGU OE12 HE12 sing N N 89  
CGU OE22 HE22 sing N N 90  
CYS N    CA   sing N N 91  
CYS N    H    sing N N 92  
CYS N    H2   sing N N 93  
CYS CA   C    sing N N 94  
CYS CA   CB   sing N N 95  
CYS CA   HA   sing N N 96  
CYS C    O    doub N N 97  
CYS C    OXT  sing N N 98  
CYS CB   SG   sing N N 99  
CYS CB   HB2  sing N N 100 
CYS CB   HB3  sing N N 101 
CYS SG   HG   sing N N 102 
CYS OXT  HXT  sing N N 103 
GLN N    CA   sing N N 104 
GLN N    H    sing N N 105 
GLN N    H2   sing N N 106 
GLN CA   C    sing N N 107 
GLN CA   CB   sing N N 108 
GLN CA   HA   sing N N 109 
GLN C    O    doub N N 110 
GLN C    OXT  sing N N 111 
GLN CB   CG   sing N N 112 
GLN CB   HB2  sing N N 113 
GLN CB   HB3  sing N N 114 
GLN CG   CD   sing N N 115 
GLN CG   HG2  sing N N 116 
GLN CG   HG3  sing N N 117 
GLN CD   OE1  doub N N 118 
GLN CD   NE2  sing N N 119 
GLN NE2  HE21 sing N N 120 
GLN NE2  HE22 sing N N 121 
GLN OXT  HXT  sing N N 122 
GLU N    CA   sing N N 123 
GLU N    H    sing N N 124 
GLU N    H2   sing N N 125 
GLU CA   C    sing N N 126 
GLU CA   CB   sing N N 127 
GLU CA   HA   sing N N 128 
GLU C    O    doub N N 129 
GLU C    OXT  sing N N 130 
GLU CB   CG   sing N N 131 
GLU CB   HB2  sing N N 132 
GLU CB   HB3  sing N N 133 
GLU CG   CD   sing N N 134 
GLU CG   HG2  sing N N 135 
GLU CG   HG3  sing N N 136 
GLU CD   OE1  doub N N 137 
GLU CD   OE2  sing N N 138 
GLU OE2  HE2  sing N N 139 
GLU OXT  HXT  sing N N 140 
GLY N    CA   sing N N 141 
GLY N    H    sing N N 142 
GLY N    H2   sing N N 143 
GLY CA   C    sing N N 144 
GLY CA   HA2  sing N N 145 
GLY CA   HA3  sing N N 146 
GLY C    O    doub N N 147 
GLY C    OXT  sing N N 148 
GLY OXT  HXT  sing N N 149 
HIS N    CA   sing N N 150 
HIS N    H    sing N N 151 
HIS N    H2   sing N N 152 
HIS CA   C    sing N N 153 
HIS CA   CB   sing N N 154 
HIS CA   HA   sing N N 155 
HIS C    O    doub N N 156 
HIS C    OXT  sing N N 157 
HIS CB   CG   sing N N 158 
HIS CB   HB2  sing N N 159 
HIS CB   HB3  sing N N 160 
HIS CG   ND1  sing Y N 161 
HIS CG   CD2  doub Y N 162 
HIS ND1  CE1  doub Y N 163 
HIS ND1  HD1  sing N N 164 
HIS CD2  NE2  sing Y N 165 
HIS CD2  HD2  sing N N 166 
HIS CE1  NE2  sing Y N 167 
HIS CE1  HE1  sing N N 168 
HIS NE2  HE2  sing N N 169 
HIS OXT  HXT  sing N N 170 
HOH O    H1   sing N N 171 
HOH O    H2   sing N N 172 
ILE N    CA   sing N N 173 
ILE N    H    sing N N 174 
ILE N    H2   sing N N 175 
ILE CA   C    sing N N 176 
ILE CA   CB   sing N N 177 
ILE CA   HA   sing N N 178 
ILE C    O    doub N N 179 
ILE C    OXT  sing N N 180 
ILE CB   CG1  sing N N 181 
ILE CB   CG2  sing N N 182 
ILE CB   HB   sing N N 183 
ILE CG1  CD1  sing N N 184 
ILE CG1  HG12 sing N N 185 
ILE CG1  HG13 sing N N 186 
ILE CG2  HG21 sing N N 187 
ILE CG2  HG22 sing N N 188 
ILE CG2  HG23 sing N N 189 
ILE CD1  HD11 sing N N 190 
ILE CD1  HD12 sing N N 191 
ILE CD1  HD13 sing N N 192 
ILE OXT  HXT  sing N N 193 
LEU N    CA   sing N N 194 
LEU N    H    sing N N 195 
LEU N    H2   sing N N 196 
LEU CA   C    sing N N 197 
LEU CA   CB   sing N N 198 
LEU CA   HA   sing N N 199 
LEU C    O    doub N N 200 
LEU C    OXT  sing N N 201 
LEU CB   CG   sing N N 202 
LEU CB   HB2  sing N N 203 
LEU CB   HB3  sing N N 204 
LEU CG   CD1  sing N N 205 
LEU CG   CD2  sing N N 206 
LEU CG   HG   sing N N 207 
LEU CD1  HD11 sing N N 208 
LEU CD1  HD12 sing N N 209 
LEU CD1  HD13 sing N N 210 
LEU CD2  HD21 sing N N 211 
LEU CD2  HD22 sing N N 212 
LEU CD2  HD23 sing N N 213 
LEU OXT  HXT  sing N N 214 
PHE N    CA   sing N N 215 
PHE N    H    sing N N 216 
PHE N    H2   sing N N 217 
PHE CA   C    sing N N 218 
PHE CA   CB   sing N N 219 
PHE CA   HA   sing N N 220 
PHE C    O    doub N N 221 
PHE C    OXT  sing N N 222 
PHE CB   CG   sing N N 223 
PHE CB   HB2  sing N N 224 
PHE CB   HB3  sing N N 225 
PHE CG   CD1  doub Y N 226 
PHE CG   CD2  sing Y N 227 
PHE CD1  CE1  sing Y N 228 
PHE CD1  HD1  sing N N 229 
PHE CD2  CE2  doub Y N 230 
PHE CD2  HD2  sing N N 231 
PHE CE1  CZ   doub Y N 232 
PHE CE1  HE1  sing N N 233 
PHE CE2  CZ   sing Y N 234 
PHE CE2  HE2  sing N N 235 
PHE CZ   HZ   sing N N 236 
PHE OXT  HXT  sing N N 237 
PRO N    CA   sing N N 238 
PRO N    CD   sing N N 239 
PRO N    H    sing N N 240 
PRO CA   C    sing N N 241 
PRO CA   CB   sing N N 242 
PRO CA   HA   sing N N 243 
PRO C    O    doub N N 244 
PRO C    OXT  sing N N 245 
PRO CB   CG   sing N N 246 
PRO CB   HB2  sing N N 247 
PRO CB   HB3  sing N N 248 
PRO CG   CD   sing N N 249 
PRO CG   HG2  sing N N 250 
PRO CG   HG3  sing N N 251 
PRO CD   HD2  sing N N 252 
PRO CD   HD3  sing N N 253 
PRO OXT  HXT  sing N N 254 
TYR N    CA   sing N N 255 
TYR N    H    sing N N 256 
TYR N    H2   sing N N 257 
TYR CA   C    sing N N 258 
TYR CA   CB   sing N N 259 
TYR CA   HA   sing N N 260 
TYR C    O    doub N N 261 
TYR C    OXT  sing N N 262 
TYR CB   CG   sing N N 263 
TYR CB   HB2  sing N N 264 
TYR CB   HB3  sing N N 265 
TYR CG   CD1  doub Y N 266 
TYR CG   CD2  sing Y N 267 
TYR CD1  CE1  sing Y N 268 
TYR CD1  HD1  sing N N 269 
TYR CD2  CE2  doub Y N 270 
TYR CD2  HD2  sing N N 271 
TYR CE1  CZ   doub Y N 272 
TYR CE1  HE1  sing N N 273 
TYR CE2  CZ   sing Y N 274 
TYR CE2  HE2  sing N N 275 
TYR CZ   OH   sing N N 276 
TYR OH   HH   sing N N 277 
TYR OXT  HXT  sing N N 278 
VAL N    CA   sing N N 279 
VAL N    H    sing N N 280 
VAL N    H2   sing N N 281 
VAL CA   C    sing N N 282 
VAL CA   CB   sing N N 283 
VAL CA   HA   sing N N 284 
VAL C    O    doub N N 285 
VAL C    OXT  sing N N 286 
VAL CB   CG1  sing N N 287 
VAL CB   CG2  sing N N 288 
VAL CB   HB   sing N N 289 
VAL CG1  HG11 sing N N 290 
VAL CG1  HG12 sing N N 291 
VAL CG1  HG13 sing N N 292 
VAL CG2  HG21 sing N N 293 
VAL CG2  HG22 sing N N 294 
VAL CG2  HG23 sing N N 295 
VAL OXT  HXT  sing N N 296 
# 
_atom_sites.entry_id                    1Q8H 
_atom_sites.fract_transf_matrix[1][1]   -0.00808608 
_atom_sites.fract_transf_matrix[1][2]   -0.00414589 
_atom_sites.fract_transf_matrix[1][3]   -0.02050204 
_atom_sites.fract_transf_matrix[2][1]   0.00354607 
_atom_sites.fract_transf_matrix[2][2]   -0.01993848 
_atom_sites.fract_transf_matrix[2][3]   -0.00963136 
_atom_sites.fract_transf_matrix[3][1]   -0.02393153 
_atom_sites.fract_transf_matrix[3][2]   -0.00976998 
_atom_sites.fract_transf_matrix[3][3]   0.01141435 
_atom_sites.fract_transf_vector[1]      0.434166 
_atom_sites.fract_transf_vector[2]      0.562063 
_atom_sites.fract_transf_vector[3]      0.756066 
# 
loop_
_atom_type.symbol 
C  
CA 
N  
O  
S  
# 
loop_
_atom_site.group_PDB 
_atom_site.id 
_atom_site.type_symbol 
_atom_site.label_atom_id 
_atom_site.label_alt_id 
_atom_site.label_comp_id 
_atom_site.label_asym_id 
_atom_site.label_entity_id 
_atom_site.label_seq_id 
_atom_site.pdbx_PDB_ins_code 
_atom_site.Cartn_x 
_atom_site.Cartn_y 
_atom_site.Cartn_z 
_atom_site.occupancy 
_atom_site.B_iso_or_equiv 
_atom_site.pdbx_formal_charge 
_atom_site.auth_seq_id 
_atom_site.auth_comp_id 
_atom_site.auth_asym_id 
_atom_site.auth_atom_id 
_atom_site.pdbx_PDB_model_num 
ATOM   1   N  N    . PRO A 1 13 ? -15.801 -9.946  3.359   1.00 38.06 ? 13  PRO A N    1 
ATOM   2   C  CA   . PRO A 1 13 ? -14.842 -8.895  3.756   1.00 37.33 ? 13  PRO A CA   1 
ATOM   3   C  C    . PRO A 1 13 ? -13.495 -9.041  3.043   1.00 37.52 ? 13  PRO A C    1 
ATOM   4   O  O    . PRO A 1 13 ? -13.076 -10.156 2.726   1.00 38.00 ? 13  PRO A O    1 
ATOM   5   C  CB   . PRO A 1 13 ? -14.683 -9.007  5.267   1.00 37.68 ? 13  PRO A CB   1 
ATOM   6   C  CG   . PRO A 1 13 ? -15.032 -10.468 5.519   1.00 36.60 ? 13  PRO A CG   1 
ATOM   7   C  CD   . PRO A 1 13 ? -16.159 -10.759 4.538   1.00 36.47 ? 13  PRO A CD   1 
ATOM   8   N  N    . ASP A 1 14 ? -12.830 -7.916  2.781   1.00 36.83 ? 14  ASP A N    1 
ATOM   9   C  CA   . ASP A 1 14 ? -11.538 -7.924  2.098   1.00 36.13 ? 14  ASP A CA   1 
ATOM   10  C  C    . ASP A 1 14 ? -10.390 -8.074  3.102   1.00 33.88 ? 14  ASP A C    1 
ATOM   11  O  O    . ASP A 1 14 ? -10.145 -7.186  3.911   1.00 33.66 ? 14  ASP A O    1 
ATOM   12  C  CB   . ASP A 1 14 ? -11.366 -6.627  1.312   1.00 40.35 ? 14  ASP A CB   1 
ATOM   13  C  CG   . ASP A 1 14 ? -10.161 -6.661  0.393   1.00 43.98 ? 14  ASP A CG   1 
ATOM   14  O  OD1  . ASP A 1 14 ? -9.051  -6.996  0.867   1.00 44.48 ? 14  ASP A OD1  1 
ATOM   15  O  OD2  . ASP A 1 14 ? -10.324 -6.355  -0.810  1.00 47.64 ? 14  ASP A OD2  1 
ATOM   16  N  N    . PRO A 1 15 ? -9.660  -9.200  3.045   1.00 30.77 ? 15  PRO A N    1 
ATOM   17  C  CA   . PRO A 1 15 ? -8.537  -9.465  3.951   1.00 29.44 ? 15  PRO A CA   1 
ATOM   18  C  C    . PRO A 1 15 ? -7.393  -8.453  3.853   1.00 27.79 ? 15  PRO A C    1 
ATOM   19  O  O    . PRO A 1 15 ? -6.572  -8.343  4.765   1.00 23.99 ? 15  PRO A O    1 
ATOM   20  C  CB   . PRO A 1 15 ? -8.105  -10.879 3.556   1.00 29.57 ? 15  PRO A CB   1 
ATOM   21  C  CG   . PRO A 1 15 ? -8.463  -10.962 2.120   1.00 28.96 ? 15  PRO A CG   1 
ATOM   22  C  CD   . PRO A 1 15 ? -9.817  -10.296 2.073   1.00 31.26 ? 15  PRO A CD   1 
ATOM   23  N  N    . LEU A 1 16 ? -7.358  -7.705  2.750   1.00 27.93 ? 16  LEU A N    1 
ATOM   24  C  CA   . LEU A 1 16 ? -6.322  -6.709  2.512   1.00 26.79 ? 16  LEU A CA   1 
ATOM   25  C  C    . LEU A 1 16 ? -6.596  -5.332  3.115   1.00 25.59 ? 16  LEU A C    1 
ATOM   26  O  O    . LEU A 1 16 ? -5.721  -4.474  3.092   1.00 23.04 ? 16  LEU A O    1 
ATOM   27  C  CB   . LEU A 1 16 ? -6.087  -6.559  1.005   1.00 28.95 ? 16  LEU A CB   1 
ATOM   28  C  CG   . LEU A 1 16 ? -5.411  -7.740  0.301   1.00 28.97 ? 16  LEU A CG   1 
ATOM   29  C  CD1  . LEU A 1 16 ? -5.480  -7.534  -1.197  1.00 31.78 ? 16  LEU A CD1  1 
ATOM   30  C  CD2  . LEU A 1 16 ? -3.971  -7.870  0.751   1.00 28.68 ? 16  LEU A CD2  1 
HETATM 31  N  N    . CGU A 1 17 ? -7.797  -5.122  3.650   1.00 24.70 ? 17  CGU A N    1 
HETATM 32  C  CA   . CGU A 1 17 ? -8.157  -3.831  4.239   1.00 25.21 ? 17  CGU A CA   1 
HETATM 33  C  C    . CGU A 1 17 ? -7.113  -3.352  5.247   1.00 24.08 ? 17  CGU A C    1 
HETATM 34  O  O    . CGU A 1 17 ? -6.725  -2.191  5.241   1.00 22.85 ? 17  CGU A O    1 
HETATM 35  C  CB   . CGU A 1 17 ? -9.511  -3.920  4.940   1.00 28.34 ? 17  CGU A CB   1 
HETATM 36  C  CG   . CGU A 1 17 ? -10.589 -2.926  4.427   1.00 29.46 ? 17  CGU A CG   1 
HETATM 37  C  CD1  . CGU A 1 17 ? -10.008 -1.624  3.816   1.00 28.04 ? 17  CGU A CD1  1 
HETATM 38  C  CD2  . CGU A 1 17 ? -11.549 -2.723  5.596   1.00 32.29 ? 17  CGU A CD2  1 
HETATM 39  O  OE11 . CGU A 1 17 ? -9.863  -1.552  2.584   1.00 31.46 ? 17  CGU A OE11 1 
HETATM 40  O  OE12 . CGU A 1 17 ? -9.722  -0.676  4.581   1.00 26.97 ? 17  CGU A OE12 1 
HETATM 41  O  OE21 . CGU A 1 17 ? -11.999 -3.776  6.049   1.00 35.00 ? 17  CGU A OE21 1 
HETATM 42  O  OE22 . CGU A 1 17 ? -11.835 -1.618  6.042   1.00 33.69 ? 17  CGU A OE22 1 
ATOM   43  N  N    . PRO A 1 18 ? -6.663  -4.236  6.151   1.00 23.16 ? 18  PRO A N    1 
ATOM   44  C  CA   . PRO A 1 18 ? -5.660  -3.773  7.110   1.00 23.07 ? 18  PRO A CA   1 
ATOM   45  C  C    . PRO A 1 18 ? -4.421  -3.177  6.427   1.00 22.93 ? 18  PRO A C    1 
ATOM   46  O  O    . PRO A 1 18 ? -3.951  -2.113  6.823   1.00 23.19 ? 18  PRO A O    1 
ATOM   47  C  CB   . PRO A 1 18 ? -5.360  -5.035  7.912   1.00 23.16 ? 18  PRO A CB   1 
ATOM   48  C  CG   . PRO A 1 18 ? -6.688  -5.697  7.959   1.00 21.79 ? 18  PRO A CG   1 
ATOM   49  C  CD   . PRO A 1 18 ? -7.184  -5.560  6.537   1.00 23.03 ? 18  PRO A CD   1 
ATOM   50  N  N    . ARG A 1 19 ? -3.896  -3.853  5.408   1.00 18.14 ? 19  ARG A N    1 
ATOM   51  C  CA   . ARG A 1 19 ? -2.729  -3.334  4.708   1.00 19.74 ? 19  ARG A CA   1 
ATOM   52  C  C    . ARG A 1 19 ? -3.051  -2.061  3.923   1.00 19.99 ? 19  ARG A C    1 
ATOM   53  O  O    . ARG A 1 19 ? -2.220  -1.151  3.832   1.00 19.51 ? 19  ARG A O    1 
ATOM   54  C  CB   . ARG A 1 19 ? -2.144  -4.392  3.770   1.00 19.63 ? 19  ARG A CB   1 
ATOM   55  C  CG   . ARG A 1 19 ? -1.426  -5.524  4.509   1.00 23.45 ? 19  ARG A CG   1 
ATOM   56  C  CD   . ARG A 1 19 ? -0.644  -6.391  3.555   1.00 25.21 ? 19  ARG A CD   1 
ATOM   57  N  NE   . ARG A 1 19 ? 0.224   -7.327  4.261   1.00 29.06 ? 19  ARG A NE   1 
ATOM   58  C  CZ   . ARG A 1 19 ? 1.142   -8.083  3.665   1.00 28.89 ? 19  ARG A CZ   1 
ATOM   59  N  NH1  . ARG A 1 19 ? 1.309   -8.012  2.350   1.00 28.53 ? 19  ARG A NH1  1 
ATOM   60  N  NH2  . ARG A 1 19 ? 1.896   -8.898  4.385   1.00 29.82 ? 19  ARG A NH2  1 
ATOM   61  N  N    . ARG A 1 20 ? -4.253  -2.000  3.351   1.00 22.01 ? 20  ARG A N    1 
ATOM   62  C  CA   . ARG A 1 20 ? -4.671  -0.829  2.606   1.00 22.37 ? 20  ARG A CA   1 
ATOM   63  C  C    . ARG A 1 20 ? -4.680  0.378   3.539   1.00 24.90 ? 20  ARG A C    1 
ATOM   64  O  O    . ARG A 1 20 ? -4.266  1.467   3.137   1.00 24.00 ? 20  ARG A O    1 
ATOM   65  C  CB   . ARG A 1 20 ? -6.070  -1.015  2.027   1.00 26.75 ? 20  ARG A CB   1 
ATOM   66  C  CG   . ARG A 1 20 ? -6.173  -2.112  0.989   1.00 32.44 ? 20  ARG A CG   1 
ATOM   67  C  CD   . ARG A 1 20 ? -7.536  -2.100  0.332   1.00 36.42 ? 20  ARG A CD   1 
ATOM   68  N  NE   . ARG A 1 20 ? -7.541  -2.937  -0.862  1.00 43.51 ? 20  ARG A NE   1 
ATOM   69  C  CZ   . ARG A 1 20 ? -8.519  -2.950  -1.764  1.00 47.68 ? 20  ARG A CZ   1 
ATOM   70  N  NH1  . ARG A 1 20 ? -9.583  -2.168  -1.613  1.00 49.20 ? 20  ARG A NH1  1 
ATOM   71  N  NH2  . ARG A 1 20 ? -8.426  -3.740  -2.826  1.00 47.89 ? 20  ARG A NH2  1 
HETATM 72  N  N    . CGU A 1 21 ? -5.151  0.198   4.776   1.00 24.22 ? 21  CGU A N    1 
HETATM 73  C  CA   . CGU A 1 21 ? -5.194  1.319   5.724   1.00 23.24 ? 21  CGU A CA   1 
HETATM 74  C  C    . CGU A 1 21 ? -3.785  1.761   6.069   1.00 23.70 ? 21  CGU A C    1 
HETATM 75  O  O    . CGU A 1 21 ? -3.521  2.957   6.187   1.00 20.30 ? 21  CGU A O    1 
HETATM 76  C  CB   . CGU A 1 21 ? -5.930  0.948   7.024   1.00 24.58 ? 21  CGU A CB   1 
HETATM 77  C  CG   . CGU A 1 21 ? -7.401  0.627   6.732   1.00 26.52 ? 21  CGU A CG   1 
HETATM 78  C  CD1  . CGU A 1 21 ? -8.270  1.900   6.561   1.00 27.96 ? 21  CGU A CD1  1 
HETATM 79  C  CD2  . CGU A 1 21 ? -7.934  -0.300  7.819   1.00 29.78 ? 21  CGU A CD2  1 
HETATM 80  O  OE11 . CGU A 1 21 ? -9.376  1.813   5.970   1.00 27.23 ? 21  CGU A OE11 1 
HETATM 81  O  OE12 . CGU A 1 21 ? -7.837  2.966   7.052   1.00 25.25 ? 21  CGU A OE12 1 
HETATM 82  O  OE21 . CGU A 1 21 ? -7.249  -1.297  8.024   1.00 36.91 ? 21  CGU A OE21 1 
HETATM 83  O  OE22 . CGU A 1 21 ? -9.002  -0.104  8.368   1.00 32.02 ? 21  CGU A OE22 1 
ATOM   84  N  N    . VAL A 1 22 ? -2.883  0.794   6.231   1.00 20.53 ? 22  VAL A N    1 
ATOM   85  C  CA   . VAL A 1 22 ? -1.496  1.102   6.558   1.00 21.98 ? 22  VAL A CA   1 
ATOM   86  C  C    . VAL A 1 22 ? -0.917  1.999   5.464   1.00 22.61 ? 22  VAL A C    1 
ATOM   87  O  O    . VAL A 1 22 ? -0.329  3.048   5.752   1.00 23.17 ? 22  VAL A O    1 
ATOM   88  C  CB   . VAL A 1 22 ? -0.641  -0.193  6.673   1.00 23.28 ? 22  VAL A CB   1 
ATOM   89  C  CG1  . VAL A 1 22 ? 0.840   0.149   6.716   1.00 24.34 ? 22  VAL A CG1  1 
ATOM   90  C  CG2  . VAL A 1 22 ? -1.035  -0.970  7.915   1.00 20.77 ? 22  VAL A CG2  1 
ATOM   91  N  N    . CYS A 1 23 ? -1.109  1.595   4.213   1.00 22.34 ? 23  CYS A N    1 
ATOM   92  C  CA   . CYS A 1 23 ? -0.609  2.346   3.063   1.00 24.86 ? 23  CYS A CA   1 
ATOM   93  C  C    . CYS A 1 23 ? -1.212  3.757   2.989   1.00 25.63 ? 23  CYS A C    1 
ATOM   94  O  O    . CYS A 1 23 ? -0.485  4.721   2.774   1.00 22.02 ? 23  CYS A O    1 
ATOM   95  C  CB   . CYS A 1 23 ? -0.896  1.565   1.769   1.00 25.85 ? 23  CYS A CB   1 
ATOM   96  S  SG   . CYS A 1 23 ? -0.246  2.269   0.202   1.00 30.27 ? 23  CYS A SG   1 
HETATM 97  N  N    . CGU A 1 24 ? -2.528  3.876   3.181   1.00 26.69 ? 24  CGU A N    1 
HETATM 98  C  CA   . CGU A 1 24 ? -3.189  5.182   3.132   1.00 29.70 ? 24  CGU A CA   1 
HETATM 99  C  C    . CGU A 1 24 ? -2.548  6.104   4.139   1.00 31.08 ? 24  CGU A C    1 
HETATM 100 O  O    . CGU A 1 24 ? -2.373  7.291   3.878   1.00 32.94 ? 24  CGU A O    1 
HETATM 101 C  CB   . CGU A 1 24 ? -4.683  5.091   3.476   1.00 26.05 ? 24  CGU A CB   1 
HETATM 102 C  CG   . CGU A 1 24 ? -5.448  4.274   2.434   1.00 26.18 ? 24  CGU A CG   1 
HETATM 103 C  CD1  . CGU A 1 24 ? -5.460  4.997   1.089   1.00 24.75 ? 24  CGU A CD1  1 
HETATM 104 C  CD2  . CGU A 1 24 ? -6.852  3.970   2.978   1.00 27.43 ? 24  CGU A CD2  1 
HETATM 105 O  OE11 . CGU A 1 24 ? -6.116  6.059   0.970   1.00 29.79 ? 24  CGU A OE11 1 
HETATM 106 O  OE12 . CGU A 1 24 ? -4.811  4.485   0.167   1.00 24.99 ? 24  CGU A OE12 1 
HETATM 107 O  OE21 . CGU A 1 24 ? -6.870  3.414   4.080   1.00 28.87 ? 24  CGU A OE21 1 
HETATM 108 O  OE22 . CGU A 1 24 ? -7.869  4.202   2.327   1.00 24.87 ? 24  CGU A OE22 1 
ATOM   109 N  N    . LEU A 1 25 ? -2.210  5.548   5.297   1.00 32.75 ? 25  LEU A N    1 
ATOM   110 C  CA   . LEU A 1 25 ? -1.604  6.316   6.373   1.00 36.12 ? 25  LEU A CA   1 
ATOM   111 C  C    . LEU A 1 25 ? -0.269  6.926   5.950   1.00 36.64 ? 25  LEU A C    1 
ATOM   112 O  O    . LEU A 1 25 ? 0.099   8.011   6.404   1.00 38.56 ? 25  LEU A O    1 
ATOM   113 C  CB   . LEU A 1 25 ? -1.402  5.421   7.593   1.00 36.84 ? 25  LEU A CB   1 
ATOM   114 C  CG   . LEU A 1 25 ? -1.316  6.153   8.932   1.00 36.31 ? 25  LEU A CG   1 
ATOM   115 C  CD1  . LEU A 1 25 ? -2.652  6.832   9.212   1.00 36.20 ? 25  LEU A CD1  1 
ATOM   116 C  CD2  . LEU A 1 25 ? -0.978  5.171   10.042  1.00 34.69 ? 25  LEU A CD2  1 
ATOM   117 N  N    . ASN A 1 26 ? 0.453   6.219   5.087   1.00 37.58 ? 26  ASN A N    1 
ATOM   118 C  CA   . ASN A 1 26 ? 1.742   6.683   4.581   1.00 38.83 ? 26  ASN A CA   1 
ATOM   119 C  C    . ASN A 1 26 ? 1.523   7.476   3.288   1.00 38.32 ? 26  ASN A C    1 
ATOM   120 O  O    . ASN A 1 26 ? 1.300   6.893   2.225   1.00 36.32 ? 26  ASN A O    1 
ATOM   121 C  CB   . ASN A 1 26 ? 2.662   5.489   4.296   1.00 40.62 ? 26  ASN A CB   1 
ATOM   122 C  CG   . ASN A 1 26 ? 4.088   5.910   3.956   1.00 42.54 ? 26  ASN A CG   1 
ATOM   123 O  OD1  . ASN A 1 26 ? 4.316   6.781   3.112   1.00 41.62 ? 26  ASN A OD1  1 
ATOM   124 N  ND2  . ASN A 1 26 ? 5.056   5.277   4.607   1.00 42.90 ? 26  ASN A ND2  1 
ATOM   125 N  N    . PRO A 1 27 ? 1.594   8.816   3.361   1.00 39.18 ? 27  PRO A N    1 
ATOM   126 C  CA   . PRO A 1 27 ? 1.394   9.633   2.163   1.00 39.23 ? 27  PRO A CA   1 
ATOM   127 C  C    . PRO A 1 27 ? 2.136   9.095   0.951   1.00 40.17 ? 27  PRO A C    1 
ATOM   128 O  O    . PRO A 1 27 ? 1.569   8.984   -0.143  1.00 40.66 ? 27  PRO A O    1 
ATOM   129 C  CB   . PRO A 1 27 ? 1.884   11.017  2.596   1.00 39.42 ? 27  PRO A CB   1 
ATOM   130 C  CG   . PRO A 1 27 ? 2.755   10.741  3.789   1.00 40.53 ? 27  PRO A CG   1 
ATOM   131 C  CD   . PRO A 1 27 ? 2.014   9.655   4.494   1.00 39.15 ? 27  PRO A CD   1 
ATOM   132 N  N    . ASP A 1 28 ? 3.395   8.733   1.154   1.00 39.89 ? 28  ASP A N    1 
ATOM   133 C  CA   . ASP A 1 28 ? 4.210   8.207   0.073   1.00 38.18 ? 28  ASP A CA   1 
ATOM   134 C  C    . ASP A 1 28 ? 3.625   6.937   -0.530  1.00 37.41 ? 28  ASP A C    1 
ATOM   135 O  O    . ASP A 1 28 ? 3.668   6.745   -1.751  1.00 35.62 ? 28  ASP A O    1 
ATOM   136 C  CB   . ASP A 1 28 ? 5.631   7.950   0.578   1.00 41.42 ? 28  ASP A CB   1 
ATOM   137 C  CG   . ASP A 1 28 ? 6.277   9.201   1.142   1.00 41.42 ? 28  ASP A CG   1 
ATOM   138 O  OD1  . ASP A 1 28 ? 6.224   10.240  0.458   1.00 42.81 ? 28  ASP A OD1  1 
ATOM   139 O  OD2  . ASP A 1 28 ? 6.833   9.146   2.260   1.00 43.97 ? 28  ASP A OD2  1 
ATOM   140 N  N    . CYS A 1 29 ? 3.089   6.065   0.322   1.00 34.99 ? 29  CYS A N    1 
ATOM   141 C  CA   . CYS A 1 29 ? 2.491   4.829   -0.167  1.00 34.20 ? 29  CYS A CA   1 
ATOM   142 C  C    . CYS A 1 29 ? 1.136   5.176   -0.777  1.00 32.10 ? 29  CYS A C    1 
ATOM   143 O  O    . CYS A 1 29 ? 0.751   4.632   -1.808  1.00 30.74 ? 29  CYS A O    1 
ATOM   144 C  CB   . CYS A 1 29 ? 2.292   3.803   0.967   1.00 32.50 ? 29  CYS A CB   1 
ATOM   145 S  SG   . CYS A 1 29 ? 1.782   2.160   0.355   1.00 32.82 ? 29  CYS A SG   1 
ATOM   146 N  N    . ASP A 1 30 ? 0.426   6.095   -0.134  1.00 32.83 ? 30  ASP A N    1 
ATOM   147 C  CA   . ASP A 1 30 ? -0.887  6.504   -0.608  1.00 34.15 ? 30  ASP A CA   1 
ATOM   148 C  C    . ASP A 1 30 ? -0.785  7.010   -2.032  1.00 36.29 ? 30  ASP A C    1 
ATOM   149 O  O    . ASP A 1 30 ? -1.441  6.497   -2.938  1.00 34.50 ? 30  ASP A O    1 
ATOM   150 C  CB   . ASP A 1 30 ? -1.452  7.613   0.272   1.00 33.18 ? 30  ASP A CB   1 
ATOM   151 C  CG   . ASP A 1 30 ? -2.925  7.860   0.015   1.00 32.22 ? 30  ASP A CG   1 
ATOM   152 O  OD1  . ASP A 1 30 ? -3.450  7.322   -0.978  1.00 32.53 ? 30  ASP A OD1  1 
ATOM   153 O  OD2  . ASP A 1 30 ? -3.553  8.582   0.809   1.00 31.78 ? 30  ASP A OD2  1 
ATOM   154 N  N    . GLU A 1 31 ? 0.049   8.028   -2.215  1.00 39.34 ? 31  GLU A N    1 
ATOM   155 C  CA   . GLU A 1 31 ? 0.257   8.620   -3.525  1.00 40.16 ? 31  GLU A CA   1 
ATOM   156 C  C    . GLU A 1 31 ? 0.665   7.564   -4.541  1.00 40.61 ? 31  GLU A C    1 
ATOM   157 O  O    . GLU A 1 31 ? 0.047   7.436   -5.595  1.00 41.73 ? 31  GLU A O    1 
ATOM   158 C  CB   . GLU A 1 31 ? 1.330   9.706   -3.444  1.00 42.69 ? 31  GLU A CB   1 
ATOM   159 C  CG   . GLU A 1 31 ? 1.713   10.284  -4.796  1.00 45.38 ? 31  GLU A CG   1 
ATOM   160 C  CD   . GLU A 1 31 ? 0.512   10.782  -5.572  1.00 45.54 ? 31  GLU A CD   1 
ATOM   161 O  OE1  . GLU A 1 31 ? -0.197  11.672  -5.053  1.00 44.75 ? 31  GLU A OE1  1 
ATOM   162 O  OE2  . GLU A 1 31 ? 0.282   10.278  -6.694  1.00 44.69 ? 31  GLU A OE2  1 
ATOM   163 N  N    . LEU A 1 32 ? 1.696   6.795   -4.213  1.00 40.32 ? 32  LEU A N    1 
ATOM   164 C  CA   . LEU A 1 32 ? 2.185   5.764   -5.119  1.00 40.10 ? 32  LEU A CA   1 
ATOM   165 C  C    . LEU A 1 32 ? 1.092   4.778   -5.500  1.00 40.12 ? 32  LEU A C    1 
ATOM   166 O  O    . LEU A 1 32 ? 1.034   4.324   -6.645  1.00 42.39 ? 32  LEU A O    1 
ATOM   167 C  CB   . LEU A 1 32 ? 3.362   5.009   -4.483  1.00 39.37 ? 32  LEU A CB   1 
ATOM   168 C  CG   . LEU A 1 32 ? 4.300   4.230   -5.422  1.00 40.36 ? 32  LEU A CG   1 
ATOM   169 C  CD1  . LEU A 1 32 ? 5.460   3.688   -4.611  1.00 39.47 ? 32  LEU A CD1  1 
ATOM   170 C  CD2  . LEU A 1 32 ? 3.574   3.084   -6.130  1.00 38.65 ? 32  LEU A CD2  1 
ATOM   171 N  N    . ALA A 1 33 ? 0.232   4.442   -4.542  1.00 39.67 ? 33  ALA A N    1 
ATOM   172 C  CA   . ALA A 1 33 ? -0.857  3.491   -4.778  1.00 39.26 ? 33  ALA A CA   1 
ATOM   173 C  C    . ALA A 1 33 ? -1.738  3.867   -5.967  1.00 38.24 ? 33  ALA A C    1 
ATOM   174 O  O    . ALA A 1 33 ? -2.192  2.994   -6.713  1.00 39.05 ? 33  ALA A O    1 
ATOM   175 C  CB   . ALA A 1 33 ? -1.714  3.349   -3.517  1.00 37.33 ? 33  ALA A CB   1 
ATOM   176 N  N    . ASP A 1 34 ? -1.983  5.162   -6.142  1.00 39.56 ? 34  ASP A N    1 
ATOM   177 C  CA   . ASP A 1 34 ? -2.809  5.636   -7.251  1.00 40.96 ? 34  ASP A CA   1 
ATOM   178 C  C    . ASP A 1 34 ? -2.210  5.337   -8.621  1.00 42.49 ? 34  ASP A C    1 
ATOM   179 O  O    . ASP A 1 34 ? -2.918  5.371   -9.627  1.00 44.27 ? 34  ASP A O    1 
ATOM   180 C  CB   . ASP A 1 34 ? -3.046  7.147   -7.154  1.00 40.20 ? 34  ASP A CB   1 
ATOM   181 C  CG   . ASP A 1 34 ? -3.962  7.526   -6.009  1.00 38.93 ? 34  ASP A CG   1 
ATOM   182 O  OD1  . ASP A 1 34 ? -4.882  6.742   -5.691  1.00 41.79 ? 34  ASP A OD1  1 
ATOM   183 O  OD2  . ASP A 1 34 ? -3.775  8.618   -5.437  1.00 37.45 ? 34  ASP A OD2  1 
ATOM   184 N  N    . HIS A 1 35 ? -0.919  5.031   -8.666  1.00 42.65 ? 35  HIS A N    1 
ATOM   185 C  CA   . HIS A 1 35 ? -0.261  4.781   -9.938  1.00 43.28 ? 35  HIS A CA   1 
ATOM   186 C  C    . HIS A 1 35 ? -0.016  3.318   -10.261 1.00 44.83 ? 35  HIS A C    1 
ATOM   187 O  O    . HIS A 1 35 ? -0.431  2.842   -11.318 1.00 44.27 ? 35  HIS A O    1 
ATOM   188 C  CB   . HIS A 1 35 ? 1.053   5.563   -9.979  1.00 43.83 ? 35  HIS A CB   1 
ATOM   189 C  CG   . HIS A 1 35 ? 0.890   7.008   -9.626  1.00 43.04 ? 35  HIS A CG   1 
ATOM   190 N  ND1  . HIS A 1 35 ? 0.338   7.930   -10.489 1.00 44.90 ? 35  HIS A ND1  1 
ATOM   191 C  CD2  . HIS A 1 35 ? 1.130   7.677   -8.472  1.00 44.56 ? 35  HIS A CD2  1 
ATOM   192 C  CE1  . HIS A 1 35 ? 0.241   9.099   -9.882  1.00 44.90 ? 35  HIS A CE1  1 
ATOM   193 N  NE2  . HIS A 1 35 ? 0.715   8.971   -8.654  1.00 42.77 ? 35  HIS A NE2  1 
ATOM   194 N  N    . ILE A 1 36 ? 0.653   2.599   -9.363  1.00 45.92 ? 36  ILE A N    1 
ATOM   195 C  CA   . ILE A 1 36 ? 0.931   1.187   -9.609  1.00 47.35 ? 36  ILE A CA   1 
ATOM   196 C  C    . ILE A 1 36 ? 0.076   0.241   -8.754  1.00 46.83 ? 36  ILE A C    1 
ATOM   197 O  O    . ILE A 1 36 ? 0.226   -0.980  -8.812  1.00 46.83 ? 36  ILE A O    1 
ATOM   198 C  CB   . ILE A 1 36 ? 2.450   0.886   -9.418  1.00 49.18 ? 36  ILE A CB   1 
ATOM   199 C  CG1  . ILE A 1 36 ? 2.967   0.092   -10.623 1.00 49.48 ? 36  ILE A CG1  1 
ATOM   200 C  CG2  . ILE A 1 36 ? 2.702   0.143   -8.110  1.00 49.20 ? 36  ILE A CG2  1 
ATOM   201 C  CD1  . ILE A 1 36 ? 2.176   -1.164  -10.927 1.00 51.35 ? 36  ILE A CD1  1 
ATOM   202 N  N    . GLY A 1 37 ? -0.838  0.807   -7.975  1.00 46.04 ? 37  GLY A N    1 
ATOM   203 C  CA   . GLY A 1 37 ? -1.698  -0.023  -7.146  1.00 45.48 ? 37  GLY A CA   1 
ATOM   204 C  C    . GLY A 1 37 ? -1.245  -0.129  -5.700  1.00 43.62 ? 37  GLY A C    1 
ATOM   205 O  O    . GLY A 1 37 ? -0.117  0.225   -5.367  1.00 43.67 ? 37  GLY A O    1 
ATOM   206 N  N    . PHE A 1 38 ? -2.133  -0.621  -4.845  1.00 42.00 ? 38  PHE A N    1 
ATOM   207 C  CA   . PHE A 1 38 ? -1.841  -0.774  -3.426  1.00 42.44 ? 38  PHE A CA   1 
ATOM   208 C  C    . PHE A 1 38 ? -0.911  -1.951  -3.101  1.00 41.79 ? 38  PHE A C    1 
ATOM   209 O  O    . PHE A 1 38 ? 0.087   -1.772  -2.401  1.00 40.84 ? 38  PHE A O    1 
ATOM   210 C  CB   . PHE A 1 38 ? -3.162  -0.892  -2.642  1.00 42.09 ? 38  PHE A CB   1 
ATOM   211 C  CG   . PHE A 1 38 ? -3.108  -1.864  -1.502  1.00 43.59 ? 38  PHE A CG   1 
ATOM   212 C  CD1  . PHE A 1 38 ? -2.333  -1.606  -0.375  1.00 42.94 ? 38  PHE A CD1  1 
ATOM   213 C  CD2  . PHE A 1 38 ? -3.801  -3.069  -1.577  1.00 44.79 ? 38  PHE A CD2  1 
ATOM   214 C  CE1  . PHE A 1 38 ? -2.240  -2.539  0.657   1.00 42.28 ? 38  PHE A CE1  1 
ATOM   215 C  CE2  . PHE A 1 38 ? -3.714  -4.004  -0.554  1.00 44.67 ? 38  PHE A CE2  1 
ATOM   216 C  CZ   . PHE A 1 38 ? -2.931  -3.737  0.566   1.00 43.27 ? 38  PHE A CZ   1 
ATOM   217 N  N    . GLN A 1 39 ? -1.219  -3.141  -3.607  1.00 42.13 ? 39  GLN A N    1 
ATOM   218 C  CA   . GLN A 1 39 ? -0.394  -4.317  -3.320  1.00 44.46 ? 39  GLN A CA   1 
ATOM   219 C  C    . GLN A 1 39 ? 1.042   -4.205  -3.817  1.00 45.01 ? 39  GLN A C    1 
ATOM   220 O  O    . GLN A 1 39 ? 1.950   -4.814  -3.249  1.00 45.18 ? 39  GLN A O    1 
ATOM   221 C  CB   . GLN A 1 39 ? -1.029  -5.587  -3.898  1.00 46.30 ? 39  GLN A CB   1 
ATOM   222 C  CG   . GLN A 1 39 ? -2.404  -5.908  -3.335  1.00 48.51 ? 39  GLN A CG   1 
ATOM   223 C  CD   . GLN A 1 39 ? -2.842  -7.329  -3.636  1.00 50.88 ? 39  GLN A CD   1 
ATOM   224 O  OE1  . GLN A 1 39 ? -2.242  -8.292  -3.148  1.00 50.83 ? 39  GLN A OE1  1 
ATOM   225 N  NE2  . GLN A 1 39 ? -3.893  -7.470  -4.441  1.00 51.78 ? 39  GLN A NE2  1 
ATOM   226 N  N    . GLU A 1 40 ? 1.255   -3.432  -4.874  1.00 45.57 ? 40  GLU A N    1 
ATOM   227 C  CA   . GLU A 1 40 ? 2.598   -3.264  -5.409  1.00 44.79 ? 40  GLU A CA   1 
ATOM   228 C  C    . GLU A 1 40 ? 3.289   -2.112  -4.688  1.00 43.43 ? 40  GLU A C    1 
ATOM   229 O  O    . GLU A 1 40 ? 4.513   -2.103  -4.528  1.00 42.89 ? 40  GLU A O    1 
ATOM   230 C  CB   . GLU A 1 40 ? 2.542   -2.992  -6.914  1.00 46.36 ? 40  GLU A CB   1 
ATOM   231 C  CG   . GLU A 1 40 ? 3.897   -3.040  -7.598  1.00 48.30 ? 40  GLU A CG   1 
ATOM   232 C  CD   . GLU A 1 40 ? 4.623   -4.348  -7.355  1.00 49.05 ? 40  GLU A CD   1 
ATOM   233 O  OE1  . GLU A 1 40 ? 4.039   -5.414  -7.654  1.00 50.84 ? 40  GLU A OE1  1 
ATOM   234 O  OE2  . GLU A 1 40 ? 5.775   -4.308  -6.863  1.00 48.60 ? 40  GLU A OE2  1 
ATOM   235 N  N    . ALA A 1 41 ? 2.494   -1.145  -4.243  1.00 41.16 ? 41  ALA A N    1 
ATOM   236 C  CA   . ALA A 1 41 ? 3.027   0.008   -3.529  1.00 39.01 ? 41  ALA A CA   1 
ATOM   237 C  C    . ALA A 1 41 ? 3.418   -0.407  -2.121  1.00 38.28 ? 41  ALA A C    1 
ATOM   238 O  O    . ALA A 1 41 ? 4.477   -0.019  -1.621  1.00 38.27 ? 41  ALA A O    1 
ATOM   239 C  CB   . ALA A 1 41 ? 1.997   1.119   -3.474  1.00 37.48 ? 41  ALA A CB   1 
ATOM   240 N  N    . TYR A 1 42 ? 2.558   -1.192  -1.478  1.00 36.31 ? 42  TYR A N    1 
ATOM   241 C  CA   . TYR A 1 42 ? 2.834   -1.659  -0.124  1.00 34.56 ? 42  TYR A CA   1 
ATOM   242 C  C    . TYR A 1 42 ? 4.171   -2.399  -0.155  1.00 36.12 ? 42  TYR A C    1 
ATOM   243 O  O    . TYR A 1 42 ? 5.059   -2.127  0.652   1.00 36.61 ? 42  TYR A O    1 
ATOM   244 C  CB   . TYR A 1 42 ? 1.726   -2.603  0.360   1.00 32.46 ? 42  TYR A CB   1 
ATOM   245 C  CG   . TYR A 1 42 ? 1.820   -2.961  1.833   1.00 29.55 ? 42  TYR A CG   1 
ATOM   246 C  CD1  . TYR A 1 42 ? 1.234   -2.152  2.810   1.00 27.43 ? 42  TYR A CD1  1 
ATOM   247 C  CD2  . TYR A 1 42 ? 2.517   -4.094  2.251   1.00 28.09 ? 42  TYR A CD2  1 
ATOM   248 C  CE1  . TYR A 1 42 ? 1.349   -2.461  4.174   1.00 27.03 ? 42  TYR A CE1  1 
ATOM   249 C  CE2  . TYR A 1 42 ? 2.639   -4.409  3.608   1.00 28.26 ? 42  TYR A CE2  1 
ATOM   250 C  CZ   . TYR A 1 42 ? 2.053   -3.595  4.559   1.00 28.64 ? 42  TYR A CZ   1 
ATOM   251 O  OH   . TYR A 1 42 ? 2.180   -3.919  5.893   1.00 30.72 ? 42  TYR A OH   1 
ATOM   252 N  N    . ARG A 1 43 ? 4.307   -3.324  -1.102  1.00 36.78 ? 43  ARG A N    1 
ATOM   253 C  CA   . ARG A 1 43 ? 5.531   -4.103  -1.259  1.00 40.45 ? 43  ARG A CA   1 
ATOM   254 C  C    . ARG A 1 43 ? 6.763   -3.220  -1.429  1.00 41.08 ? 43  ARG A C    1 
ATOM   255 O  O    . ARG A 1 43 ? 7.831   -3.533  -0.906  1.00 40.43 ? 43  ARG A O    1 
ATOM   256 C  CB   . ARG A 1 43 ? 5.415   -5.042  -2.465  1.00 42.48 ? 43  ARG A CB   1 
ATOM   257 C  CG   . ARG A 1 43 ? 6.737   -5.685  -2.851  1.00 46.79 ? 43  ARG A CG   1 
ATOM   258 C  CD   . ARG A 1 43 ? 6.696   -6.323  -4.225  1.00 49.17 ? 43  ARG A CD   1 
ATOM   259 N  NE   . ARG A 1 43 ? 7.998   -6.228  -4.877  1.00 52.05 ? 43  ARG A NE   1 
ATOM   260 C  CZ   . ARG A 1 43 ? 8.592   -5.077  -5.184  1.00 53.09 ? 43  ARG A CZ   1 
ATOM   261 N  NH1  . ARG A 1 43 ? 7.997   -3.927  -4.898  1.00 54.07 ? 43  ARG A NH1  1 
ATOM   262 N  NH2  . ARG A 1 43 ? 9.785   -5.068  -5.768  1.00 52.56 ? 43  ARG A NH2  1 
ATOM   263 N  N    . ARG A 1 44 ? 6.610   -2.120  -2.166  1.00 41.91 ? 44  ARG A N    1 
ATOM   264 C  CA   . ARG A 1 44 ? 7.705   -1.192  -2.415  1.00 41.07 ? 44  ARG A CA   1 
ATOM   265 C  C    . ARG A 1 44 ? 8.244   -0.526  -1.160  1.00 40.12 ? 44  ARG A C    1 
ATOM   266 O  O    . ARG A 1 44 ? 9.452   -0.384  -1.011  1.00 38.24 ? 44  ARG A O    1 
ATOM   267 C  CB   . ARG A 1 44 ? 7.280   -0.112  -3.417  1.00 45.64 ? 44  ARG A CB   1 
ATOM   268 C  CG   . ARG A 1 44 ? 7.527   -0.480  -4.880  1.00 48.95 ? 44  ARG A CG   1 
ATOM   269 C  CD   . ARG A 1 44 ? 8.965   -0.960  -5.071  1.00 53.17 ? 44  ARG A CD   1 
ATOM   270 N  NE   . ARG A 1 44 ? 9.926   -0.037  -4.467  1.00 57.69 ? 44  ARG A NE   1 
ATOM   271 C  CZ   . ARG A 1 44 ? 11.186  -0.350  -4.170  1.00 59.72 ? 44  ARG A CZ   1 
ATOM   272 N  NH1  . ARG A 1 44 ? 11.984  0.557   -3.624  1.00 60.60 ? 44  ARG A NH1  1 
ATOM   273 N  NH2  . ARG A 1 44 ? 11.647  -1.572  -4.409  1.00 60.94 ? 44  ARG A NH2  1 
ATOM   274 N  N    . PHE A 1 45 ? 7.353   -0.122  -0.259  1.00 39.96 ? 45  PHE A N    1 
ATOM   275 C  CA   . PHE A 1 45 ? 7.768   0.539   0.979   1.00 38.49 ? 45  PHE A CA   1 
ATOM   276 C  C    . PHE A 1 45 ? 7.944   -0.383  2.188   1.00 36.87 ? 45  PHE A C    1 
ATOM   277 O  O    . PHE A 1 45 ? 8.589   -0.001  3.163   1.00 36.85 ? 45  PHE A O    1 
ATOM   278 C  CB   . PHE A 1 45 ? 6.762   1.620   1.378   1.00 40.88 ? 45  PHE A CB   1 
ATOM   279 C  CG   . PHE A 1 45 ? 6.856   2.881   0.569   1.00 43.51 ? 45  PHE A CG   1 
ATOM   280 C  CD1  . PHE A 1 45 ? 6.338   2.942   -0.718  1.00 44.81 ? 45  PHE A CD1  1 
ATOM   281 C  CD2  . PHE A 1 45 ? 7.442   4.021   1.113   1.00 45.28 ? 45  PHE A CD2  1 
ATOM   282 C  CE1  . PHE A 1 45 ? 6.394   4.126   -1.455  1.00 45.40 ? 45  PHE A CE1  1 
ATOM   283 C  CE2  . PHE A 1 45 ? 7.506   5.207   0.388   1.00 46.39 ? 45  PHE A CE2  1 
ATOM   284 C  CZ   . PHE A 1 45 ? 6.978   5.259   -0.902  1.00 46.57 ? 45  PHE A CZ   1 
ATOM   285 N  N    . TYR A 1 46 ? 7.372   -1.581  2.146   1.00 34.86 ? 46  TYR A N    1 
ATOM   286 C  CA   . TYR A 1 46 ? 7.460   -2.471  3.296   1.00 33.03 ? 46  TYR A CA   1 
ATOM   287 C  C    . TYR A 1 46 ? 7.981   -3.868  3.012   1.00 34.15 ? 46  TYR A C    1 
ATOM   288 O  O    . TYR A 1 46 ? 8.459   -4.552  3.918   1.00 35.46 ? 46  TYR A O    1 
ATOM   289 C  CB   . TYR A 1 46 ? 6.091   -2.555  3.960   1.00 29.21 ? 46  TYR A CB   1 
ATOM   290 C  CG   . TYR A 1 46 ? 5.553   -1.207  4.335   1.00 28.43 ? 46  TYR A CG   1 
ATOM   291 C  CD1  . TYR A 1 46 ? 4.426   -0.673  3.701   1.00 28.99 ? 46  TYR A CD1  1 
ATOM   292 C  CD2  . TYR A 1 46 ? 6.180   -0.447  5.314   1.00 27.13 ? 46  TYR A CD2  1 
ATOM   293 C  CE1  . TYR A 1 46 ? 3.934   0.584   4.052   1.00 25.13 ? 46  TYR A CE1  1 
ATOM   294 C  CE2  . TYR A 1 46 ? 5.704   0.801   5.662   1.00 27.50 ? 46  TYR A CE2  1 
ATOM   295 C  CZ   . TYR A 1 46 ? 4.580   1.312   5.032   1.00 26.34 ? 46  TYR A CZ   1 
ATOM   296 O  OH   . TYR A 1 46 ? 4.092   2.531   5.438   1.00 27.54 ? 46  TYR A OH   1 
ATOM   297 N  N    . GLY A 1 47 ? 7.884   -4.300  1.761   1.00 33.49 ? 47  GLY A N    1 
ATOM   298 C  CA   . GLY A 1 47 ? 8.367   -5.620  1.423   1.00 33.72 ? 47  GLY A CA   1 
ATOM   299 C  C    . GLY A 1 47 ? 9.881   -5.695  1.470   1.00 36.70 ? 47  GLY A C    1 
ATOM   300 O  O    . GLY A 1 47 ? 10.579  -4.679  1.556   1.00 34.81 ? 47  GLY A O    1 
ATOM   301 N  N    . ILE A 1 48 ? 10.398  -6.916  1.444   1.00 37.59 ? 48  ILE A N    1 
ATOM   302 C  CA   . ILE A 1 48 ? 11.829  -7.121  1.442   1.00 40.72 ? 48  ILE A CA   1 
ATOM   303 C  C    . ILE A 1 48 ? 12.127  -7.542  0.019   1.00 43.37 ? 48  ILE A C    1 
ATOM   304 O  O    . ILE A 1 48 ? 11.866  -8.682  -0.366  1.00 44.91 ? 48  ILE A O    1 
ATOM   305 C  CB   . ILE A 1 48 ? 12.252  -8.241  2.407   1.00 40.52 ? 48  ILE A CB   1 
ATOM   306 C  CG1  . ILE A 1 48 ? 11.939  -7.827  3.845   1.00 40.08 ? 48  ILE A CG1  1 
ATOM   307 C  CG2  . ILE A 1 48 ? 13.747  -8.538  2.242   1.00 39.46 ? 48  ILE A CG2  1 
ATOM   308 C  CD1  . ILE A 1 48 ? 12.177  -8.926  4.859   1.00 41.90 ? 48  ILE A CD1  1 
ATOM   309 N  N    . ALA A 1 49 ? 12.647  -6.603  -0.762  1.00 45.31 ? 49  ALA A N    1 
ATOM   310 C  CA   . ALA A 1 49 ? 12.967  -6.844  -2.166  1.00 47.31 ? 49  ALA A CA   1 
ATOM   311 C  C    . ALA A 1 49 ? 11.714  -6.675  -3.027  1.00 46.55 ? 49  ALA A C    1 
ATOM   312 O  O    . ALA A 1 49 ? 10.673  -6.254  -2.472  1.00 45.60 ? 49  ALA A O    1 
ATOM   313 C  CB   . ALA A 1 49 ? 13.556  -8.249  -2.350  1.00 48.09 ? 49  ALA A CB   1 
ATOM   314 O  OXT  . ALA A 1 49 ? 11.793  -6.959  -4.242  1.00 45.24 ? 49  ALA A OXT  1 
HETATM 315 CA CA   . CA  B 2 .  ? -8.513  6.436   1.311   1.00 22.23 ? 71  CA  A CA   1 
HETATM 316 CA CA   . CA  C 2 .  ? -5.805  6.558   -1.284  1.00 30.50 ? 72  CA  A CA   1 
HETATM 317 CA CA   . CA  D 2 .  ? -9.825  3.478   3.737   0.50 50.79 ? 73  CA  A CA   1 
HETATM 318 O  O    . HOH E 3 .  ? 0.158   -6.510  0.003   1.00 26.66 ? 74  HOH A O    1 
HETATM 319 O  O    . HOH E 3 .  ? -8.941  1.623   -0.590  1.00 24.93 ? 75  HOH A O    1 
HETATM 320 O  O    . HOH E 3 .  ? 1.906   3.435   7.337   1.00 35.80 ? 76  HOH A O    1 
HETATM 321 O  O    . HOH E 3 .  ? 5.942   11.317  2.970   1.00 38.16 ? 77  HOH A O    1 
HETATM 322 O  O    . HOH E 3 .  ? -5.291  8.514   3.151   1.00 23.15 ? 78  HOH A O    1 
HETATM 323 O  O    . HOH E 3 .  ? -11.012 -1.656  9.853   1.00 44.02 ? 79  HOH A O    1 
HETATM 324 O  O    . HOH E 3 .  ? -7.877  -2.998  10.104  1.00 36.74 ? 80  HOH A O    1 
HETATM 325 O  O    . HOH E 3 .  ? -4.090  1.943   0.136   1.00 25.89 ? 81  HOH A O    1 
HETATM 326 O  O    . HOH E 3 .  ? -9.019  4.566   9.051   1.00 27.82 ? 82  HOH A O    1 
HETATM 327 O  O    . HOH E 3 .  ? -6.870  -9.449  6.948   1.00 33.09 ? 83  HOH A O    1 
HETATM 328 O  O    . HOH E 3 .  ? -3.199  -11.347 -2.603  1.00 47.23 ? 84  HOH A O    1 
HETATM 329 O  O    . HOH E 3 .  ? -8.309  -10.989 -6.866  1.00 66.90 ? 85  HOH A O    1 
HETATM 330 O  O    . HOH E 3 .  ? -4.222  -7.051  5.084   1.00 24.88 ? 86  HOH A O    1 
HETATM 331 O  O    . HOH E 3 .  ? -7.723  8.000   3.194   1.00 24.92 ? 87  HOH A O    1 
HETATM 332 O  O    . HOH E 3 .  ? -5.909  8.452   -0.426  1.00 29.47 ? 88  HOH A O    1 
HETATM 333 O  O    . HOH E 3 .  ? -5.229  4.803   6.970   1.00 37.83 ? 89  HOH A O    1 
HETATM 334 O  O    . HOH E 3 .  ? -13.291 -12.655 1.748   1.00 58.60 ? 90  HOH A O    1 
HETATM 335 O  O    . HOH E 3 .  ? 2.357   -10.645 0.367   1.00 35.94 ? 91  HOH A O    1 
HETATM 336 O  O    . HOH E 3 .  ? -18.204 -12.911 -0.424  1.00 45.84 ? 92  HOH A O    1 
HETATM 337 O  O    . HOH E 3 .  ? -8.709  1.582   2.855   1.00 25.48 ? 93  HOH A O    1 
HETATM 338 O  O    . HOH E 3 .  ? -1.349  9.757   4.318   1.00 36.62 ? 94  HOH A O    1 
HETATM 339 O  O    . HOH E 3 .  ? 2.383   -6.355  -1.145  1.00 54.83 ? 95  HOH A O    1 
HETATM 340 O  O    . HOH E 3 .  ? 1.850   -9.674  -2.689  1.00 38.82 ? 96  HOH A O    1 
HETATM 341 O  O    . HOH E 3 .  ? -6.047  7.831   -3.591  1.00 28.10 ? 97  HOH A O    1 
HETATM 342 O  O    . HOH E 3 .  ? -5.002  8.351   5.871   1.00 49.44 ? 98  HOH A O    1 
HETATM 343 O  O    . HOH E 3 .  ? -7.757  5.398   5.962   1.00 48.13 ? 99  HOH A O    1 
HETATM 344 O  O    . HOH E 3 .  ? -1.786  10.550  8.456   1.00 39.55 ? 100 HOH A O    1 
HETATM 345 O  O    . HOH E 3 .  ? 2.357   6.551   8.133   1.00 38.18 ? 101 HOH A O    1 
HETATM 346 O  O    . HOH E 3 .  ? -3.501  10.377  -3.329  1.00 42.90 ? 102 HOH A O    1 
HETATM 347 O  O    . HOH E 3 .  ? -6.269  -2.522  -3.961  1.00 58.36 ? 103 HOH A O    1 
HETATM 348 O  O    . HOH E 3 .  ? 4.539   -6.517  0.261   1.00 46.78 ? 104 HOH A O    1 
HETATM 349 O  O    . HOH E 3 .  ? 8.472   -9.022  2.074   1.00 27.00 ? 105 HOH A O    1 
HETATM 350 O  O    . HOH E 3 .  ? 6.087   -6.426  4.905   1.00 39.49 ? 106 HOH A O    1 
HETATM 351 O  O    . HOH E 3 .  ? 4.760   -7.245  2.672   1.00 31.80 ? 107 HOH A O    1 
HETATM 352 O  O    . HOH E 3 .  ? 3.945   -13.058 0.692   1.00 37.32 ? 108 HOH A O    1 
HETATM 353 O  O    . HOH E 3 .  ? 4.186   -9.771  2.302   1.00 52.33 ? 109 HOH A O    1 
HETATM 354 O  O    . HOH E 3 .  ? 3.524   -10.084 6.669   1.00 44.23 ? 110 HOH A O    1 
HETATM 355 O  O    . HOH E 3 .  ? -9.887  1.665   10.704  1.00 34.26 ? 111 HOH A O    1 
HETATM 356 O  O    . HOH E 3 .  ? 3.824   -11.968 -1.556  1.00 33.99 ? 112 HOH A O    1 
HETATM 357 O  O    . HOH E 3 .  ? -1.799  10.577  2.051   1.00 40.66 ? 113 HOH A O    1 
HETATM 358 O  O    . HOH E 3 .  ? -7.341  0.158   11.984  1.00 34.25 ? 114 HOH A O    1 
HETATM 359 O  O    . HOH E 3 .  ? 8.763   8.474   0.016   1.00 39.77 ? 115 HOH A O    1 
HETATM 360 O  O    . HOH E 3 .  ? -4.216  -1.340  9.611   1.00 32.95 ? 116 HOH A O    1 
HETATM 361 O  O    . HOH E 3 .  ? 5.465   9.080   -2.627  1.00 52.62 ? 117 HOH A O    1 
HETATM 362 O  O    . HOH E 3 .  ? -4.204  5.579   -2.766  1.00 29.62 ? 118 HOH A O    1 
HETATM 363 O  O    . HOH E 3 .  ? 1.072   3.289   -13.946 1.00 43.97 ? 119 HOH A O    1 
HETATM 364 O  O    . HOH E 3 .  ? -5.293  3.596   -5.684  1.00 48.79 ? 120 HOH A O    1 
HETATM 365 O  O    . HOH E 3 .  ? -5.572  3.737   9.654   1.00 48.66 ? 121 HOH A O    1 
HETATM 366 O  O    . HOH E 3 .  ? 5.412   -2.853  -10.753 1.00 57.37 ? 122 HOH A O    1 
HETATM 367 O  O    . HOH E 3 .  ? -7.893  5.026   11.480  1.00 40.73 ? 123 HOH A O    1 
HETATM 368 O  O    . HOH E 3 .  ? -3.263  -11.297 -6.871  1.00 36.00 ? 124 HOH A O    1 
HETATM 369 O  O    . HOH E 3 .  ? -5.504  1.100   10.228  1.00 50.30 ? 125 HOH A O    1 
HETATM 370 O  O    . HOH E 3 .  ? -6.545  -5.793  11.379  1.00 43.36 ? 126 HOH A O    1 
HETATM 371 O  O    . HOH E 3 .  ? -11.427 -4.571  8.774   1.00 42.02 ? 127 HOH A O    1 
HETATM 372 O  O    . HOH E 3 .  ? -13.355 -3.682  10.229  1.00 41.96 ? 128 HOH A O    1 
HETATM 373 O  O    . HOH E 3 .  ? 8.751   -10.873 3.920   1.00 37.28 ? 129 HOH A O    1 
HETATM 374 O  O    . HOH E 3 .  ? -8.153  -9.833  -0.858  1.00 30.34 ? 130 HOH A O    1 
HETATM 375 O  O    . HOH E 3 .  ? -1.299  5.608   -14.205 1.00 38.45 ? 131 HOH A O    1 
HETATM 376 O  O    . HOH E 3 .  ? -5.154  2.919   -2.234  1.00 35.43 ? 132 HOH A O    1 
HETATM 377 O  O    . HOH E 3 .  ? -4.971  6.972   11.129  1.00 44.76 ? 133 HOH A O    1 
HETATM 378 O  O    . HOH E 3 .  ? -17.910 -5.042  -9.634  1.00 53.00 ? 134 HOH A O    1 
# 
